data_3RRP
#
_entry.id   3RRP
#
_cell.length_a   97.800
_cell.length_b   156.920
_cell.length_c   57.760
_cell.angle_alpha   90.000
_cell.angle_beta   90.000
_cell.angle_gamma   90.000
#
_symmetry.space_group_name_H-M   'P 21 21 2'
#
loop_
_entity.id
_entity.type
_entity.pdbx_description
1 polymer 'Probable fumarate hydratase Fum'
2 non-polymer '(2S)-2-hydroxybutanedioic acid'
3 non-polymer 1,2-ETHANEDIOL
4 water water
#
_entity_poly.entity_id   1
_entity_poly.type   'polypeptide(L)'
_entity_poly.pdbx_seq_one_letter_code
;GPGSMLSEQQYRIEHDTMGEVRVPAEALWRAQTQRAVENFPISGRGLERTQIRALGLLKGACAQVNKDLGLLAAEKADAI
IAAAQEIADGKHDDQFPIDVFQTGSGTSSNMNANEVIASIAAQATPPVVVHPNDDVNMSQSSNDTFPTATHLAATEAAVR
DLIPALEYLQQALATKAKAWKTVVKSGRTHLMDAVPVTLGQEFGGYARQIEAGIERVKATLPRLGELPIGGTAVGTGLNA
PDGFGAKVVEVLKQSTGLSELKTASDSFEAQAARDGLVEGSGALKTIAASLTKIANDIRWMGSGPLTGLGEIQLPDLQPG
SSIMPGKVNPVLPEAVTQVAAQVIGNDAAITVGGLSGAFELNVYIPVMARNLLESFTLLANVSRLFVDKCVDGLVANEDH
LRTLAESSPSIVTPLNSAIGYEEAAAVAKEALKERKTIRQTVIDRGLIGDKLSIEELDKRLDVLAMAKVKD
;
_entity_poly.pdbx_strand_id   A,B
#
# COMPACT_ATOMS: atom_id res chain seq x y z
N SER A 7 -11.52 -34.86 10.44
CA SER A 7 -12.94 -34.64 10.86
C SER A 7 -13.31 -33.14 10.98
N GLU A 8 -14.58 -32.86 11.31
CA GLU A 8 -15.13 -31.49 11.47
C GLU A 8 -14.42 -30.63 12.53
N GLN A 9 -14.45 -29.30 12.33
CA GLN A 9 -13.85 -28.34 13.24
C GLN A 9 -14.50 -28.37 14.65
N GLN A 10 -13.67 -28.42 15.70
CA GLN A 10 -14.16 -28.48 17.09
C GLN A 10 -13.95 -27.16 17.82
N TYR A 11 -14.87 -26.85 18.73
CA TYR A 11 -14.82 -25.60 19.49
C TYR A 11 -14.96 -25.88 20.99
N ARG A 12 -14.41 -24.96 21.79
CA ARG A 12 -14.68 -24.90 23.22
C ARG A 12 -15.26 -23.53 23.48
N ILE A 13 -15.94 -23.36 24.61
CA ILE A 13 -16.63 -22.12 24.89
C ILE A 13 -15.74 -21.15 25.69
N GLU A 14 -15.68 -19.91 25.23
CA GLU A 14 -15.06 -18.83 25.97
C GLU A 14 -16.09 -17.76 26.19
N HIS A 15 -15.76 -16.72 26.95
CA HIS A 15 -16.74 -15.65 27.15
C HIS A 15 -16.07 -14.32 27.37
N ASP A 16 -16.79 -13.27 27.02
CA ASP A 16 -16.43 -11.92 27.40
C ASP A 16 -17.68 -11.22 27.94
N THR A 17 -17.65 -9.89 27.94
CA THR A 17 -18.70 -9.13 28.59
C THR A 17 -19.94 -8.99 27.68
N MET A 18 -19.84 -9.56 26.48
CA MET A 18 -20.93 -9.56 25.52
C MET A 18 -21.55 -10.96 25.43
N GLY A 19 -20.90 -11.92 26.08
CA GLY A 19 -21.43 -13.28 26.15
C GLY A 19 -20.45 -14.35 25.70
N GLU A 20 -21.01 -15.49 25.33
CA GLU A 20 -20.21 -16.66 25.06
C GLU A 20 -19.93 -16.78 23.59
N VAL A 21 -18.72 -17.23 23.26
CA VAL A 21 -18.29 -17.37 21.88
C VAL A 21 -17.65 -18.75 21.71
N ARG A 22 -17.93 -19.40 20.59
CA ARG A 22 -17.33 -20.67 20.28
C ARG A 22 -15.97 -20.40 19.65
N VAL A 23 -14.90 -20.91 20.27
CA VAL A 23 -13.53 -20.69 19.83
C VAL A 23 -12.89 -22.03 19.41
N PRO A 24 -12.25 -22.09 18.23
CA PRO A 24 -11.64 -23.32 17.71
C PRO A 24 -10.76 -24.01 18.77
N ALA A 25 -10.90 -25.33 18.91
CA ALA A 25 -10.27 -26.08 20.00
C ALA A 25 -8.75 -25.97 20.05
N GLU A 26 -8.10 -25.93 18.88
CA GLU A 26 -6.63 -25.78 18.84
C GLU A 26 -6.13 -24.35 19.07
N ALA A 27 -7.04 -23.39 19.24
CA ALA A 27 -6.62 -22.00 19.35
C ALA A 27 -6.28 -21.63 20.80
N LEU A 28 -5.22 -20.85 20.97
CA LEU A 28 -4.84 -20.29 22.26
C LEU A 28 -5.51 -18.95 22.52
N TRP A 29 -6.11 -18.38 21.47
CA TRP A 29 -6.90 -17.16 21.68
C TRP A 29 -8.27 -17.48 22.28
N ARG A 30 -8.95 -16.47 22.77
CA ARG A 30 -10.23 -16.66 23.42
C ARG A 30 -11.35 -15.83 22.76
N ALA A 31 -12.34 -15.43 23.56
CA ALA A 31 -13.58 -14.88 23.06
C ALA A 31 -13.44 -13.64 22.16
N GLN A 32 -12.67 -12.66 22.62
CA GLN A 32 -12.64 -11.37 21.95
C GLN A 32 -11.85 -11.46 20.62
N THR A 33 -10.76 -12.21 20.62
CA THR A 33 -10.06 -12.53 19.38
C THR A 33 -11.00 -13.21 18.37
N GLN A 34 -11.79 -14.18 18.83
CA GLN A 34 -12.68 -14.91 17.94
C GLN A 34 -13.72 -13.98 17.29
N ARG A 35 -14.29 -13.09 18.09
CA ARG A 35 -15.24 -12.08 17.59
C ARG A 35 -14.57 -11.29 16.45
N ALA A 36 -13.34 -10.87 16.67
CA ALA A 36 -12.60 -10.05 15.73
C ALA A 36 -12.28 -10.85 14.45
N VAL A 37 -12.07 -12.14 14.60
CA VAL A 37 -11.93 -13.01 13.46
C VAL A 37 -13.21 -12.97 12.63
N GLU A 38 -14.37 -13.04 13.28
CA GLU A 38 -15.64 -13.05 12.53
C GLU A 38 -15.96 -11.68 12.03
N ASN A 39 -15.50 -10.68 12.76
CA ASN A 39 -15.88 -9.29 12.47
C ASN A 39 -15.11 -8.67 11.31
N PHE A 40 -13.80 -8.97 11.20
CA PHE A 40 -12.92 -8.27 10.20
C PHE A 40 -12.25 -9.09 9.07
N PRO A 41 -12.95 -10.05 8.46
CA PRO A 41 -12.25 -10.82 7.40
C PRO A 41 -12.12 -10.02 6.10
N ILE A 42 -11.10 -9.16 6.05
CA ILE A 42 -11.03 -8.08 5.07
C ILE A 42 -9.85 -8.26 4.13
N SER A 43 -8.62 -8.27 4.67
CA SER A 43 -7.40 -8.49 3.85
C SER A 43 -6.85 -9.91 3.94
N GLY A 44 -7.21 -10.62 5.00
CA GLY A 44 -6.65 -11.97 5.26
C GLY A 44 -5.20 -11.93 5.74
N ARG A 45 -4.70 -10.74 6.05
CA ARG A 45 -3.36 -10.59 6.62
C ARG A 45 -3.51 -10.02 8.02
N GLY A 46 -2.71 -10.56 8.94
CA GLY A 46 -2.71 -10.19 10.34
C GLY A 46 -1.44 -9.44 10.65
N LEU A 47 -1.18 -9.22 11.94
CA LEU A 47 0.07 -8.63 12.40
C LEU A 47 1.29 -9.36 11.87
N GLU A 48 2.33 -8.61 11.52
CA GLU A 48 3.63 -9.20 11.16
C GLU A 48 4.41 -9.75 12.37
N ARG A 49 5.40 -10.59 12.08
CA ARG A 49 6.36 -11.11 13.05
C ARG A 49 6.95 -10.02 13.95
N THR A 50 7.31 -8.89 13.36
CA THR A 50 7.88 -7.77 14.10
C THR A 50 6.86 -7.18 15.11
N GLN A 51 5.58 -7.15 14.72
CA GLN A 51 4.55 -6.55 15.54
C GLN A 51 4.11 -7.47 16.66
N ILE A 52 4.07 -8.77 16.40
CA ILE A 52 3.83 -9.74 17.46
C ILE A 52 4.98 -9.76 18.46
N ARG A 53 6.20 -9.66 17.99
CA ARG A 53 7.34 -9.62 18.90
C ARG A 53 7.24 -8.43 19.89
N ALA A 54 6.99 -7.24 19.34
CA ALA A 54 6.81 -6.00 20.11
C ALA A 54 5.67 -6.12 21.15
N LEU A 55 4.54 -6.70 20.75
CA LEU A 55 3.43 -6.88 21.67
C LEU A 55 3.83 -7.80 22.81
N GLY A 56 4.50 -8.90 22.44
CA GLY A 56 5.08 -9.82 23.40
C GLY A 56 6.03 -9.13 24.35
N LEU A 57 6.99 -8.35 23.84
CA LEU A 57 7.95 -7.67 24.74
C LEU A 57 7.25 -6.71 25.68
N LEU A 58 6.34 -5.90 25.13
CA LEU A 58 5.58 -4.94 25.94
C LEU A 58 4.75 -5.60 27.06
N LYS A 59 4.03 -6.67 26.74
CA LYS A 59 3.21 -7.33 27.74
C LYS A 59 4.05 -7.85 28.90
N GLY A 60 5.27 -8.29 28.59
CA GLY A 60 6.19 -8.80 29.60
C GLY A 60 6.71 -7.68 30.49
N ALA A 61 7.05 -6.56 29.85
CA ALA A 61 7.59 -5.44 30.59
C ALA A 61 6.52 -4.88 31.55
N CYS A 62 5.28 -4.80 31.08
CA CYS A 62 4.17 -4.31 31.91
C CYS A 62 3.97 -5.19 33.12
N ALA A 63 3.88 -6.51 32.88
CA ALA A 63 3.86 -7.48 33.98
C ALA A 63 5.07 -7.33 34.92
N GLN A 64 6.25 -7.13 34.36
CA GLN A 64 7.44 -6.95 35.20
C GLN A 64 7.25 -5.77 36.17
N VAL A 65 6.85 -4.63 35.63
CA VAL A 65 6.65 -3.40 36.40
C VAL A 65 5.49 -3.56 37.40
N ASN A 66 4.36 -4.09 36.94
CA ASN A 66 3.28 -4.44 37.89
C ASN A 66 3.82 -5.30 39.04
N LYS A 67 4.62 -6.31 38.72
CA LYS A 67 5.26 -7.13 39.77
C LYS A 67 6.12 -6.26 40.69
N ASP A 68 7.04 -5.49 40.09
CA ASP A 68 7.96 -4.62 40.82
C ASP A 68 7.25 -3.71 41.82
N LEU A 69 6.11 -3.16 41.41
CA LEU A 69 5.39 -2.19 42.24
C LEU A 69 4.38 -2.82 43.21
N GLY A 70 4.35 -4.15 43.24
CA GLY A 70 3.45 -4.88 44.16
C GLY A 70 2.01 -4.94 43.70
N LEU A 71 1.73 -4.59 42.47
CA LEU A 71 0.34 -4.55 42.01
C LEU A 71 -0.14 -5.91 41.53
N LEU A 72 0.79 -6.73 41.07
CA LEU A 72 0.46 -8.04 40.55
C LEU A 72 1.33 -9.12 41.22
N ALA A 73 0.69 -10.14 41.81
CA ALA A 73 1.40 -11.19 42.57
C ALA A 73 2.42 -11.95 41.72
N ALA A 74 3.52 -12.33 42.36
CA ALA A 74 4.68 -12.89 41.66
C ALA A 74 4.34 -14.09 40.77
N GLU A 75 3.52 -15.02 41.27
CA GLU A 75 3.13 -16.20 40.50
C GLU A 75 2.45 -15.80 39.19
N LYS A 76 1.57 -14.82 39.27
CA LYS A 76 0.85 -14.33 38.11
C LYS A 76 1.81 -13.62 37.15
N ALA A 77 2.64 -12.74 37.69
CA ALA A 77 3.55 -11.92 36.88
C ALA A 77 4.55 -12.81 36.14
N ASP A 78 5.07 -13.78 36.88
CA ASP A 78 6.11 -14.65 36.34
C ASP A 78 5.52 -15.49 35.19
N ALA A 79 4.28 -15.94 35.36
CA ALA A 79 3.60 -16.73 34.31
C ALA A 79 3.27 -15.89 33.07
N ILE A 80 2.91 -14.63 33.29
CA ILE A 80 2.64 -13.72 32.16
C ILE A 80 3.95 -13.42 31.39
N ILE A 81 5.04 -13.29 32.12
CA ILE A 81 6.35 -12.95 31.55
C ILE A 81 6.94 -14.10 30.73
N ALA A 82 6.80 -15.32 31.26
CA ALA A 82 7.24 -16.51 30.55
C ALA A 82 6.45 -16.68 29.24
N ALA A 83 5.13 -16.49 29.33
CA ALA A 83 4.25 -16.60 28.17
C ALA A 83 4.55 -15.48 27.17
N ALA A 84 4.67 -14.25 27.67
CA ALA A 84 5.07 -13.12 26.84
C ALA A 84 6.43 -13.34 26.17
N GLN A 85 7.40 -13.94 26.88
CA GLN A 85 8.68 -14.26 26.26
C GLN A 85 8.50 -15.20 25.04
N GLU A 86 7.64 -16.21 25.18
CA GLU A 86 7.39 -17.18 24.11
C GLU A 86 6.79 -16.50 22.90
N ILE A 87 5.93 -15.53 23.17
CA ILE A 87 5.28 -14.78 22.11
C ILE A 87 6.30 -13.90 21.41
N ALA A 88 7.11 -13.17 22.18
CA ALA A 88 8.24 -12.40 21.64
C ALA A 88 9.16 -13.25 20.75
N ASP A 89 9.42 -14.49 21.18
CA ASP A 89 10.33 -15.38 20.46
C ASP A 89 9.70 -16.04 19.23
N GLY A 90 8.44 -15.76 18.92
CA GLY A 90 7.84 -16.27 17.69
C GLY A 90 7.26 -17.67 17.74
N LYS A 91 7.06 -18.20 18.94
CA LYS A 91 6.51 -19.53 19.13
C LYS A 91 4.99 -19.59 18.92
N HIS A 92 4.34 -18.43 18.82
CA HIS A 92 2.88 -18.38 18.76
C HIS A 92 2.32 -17.45 17.70
N ASP A 93 3.02 -17.27 16.59
CA ASP A 93 2.53 -16.39 15.53
C ASP A 93 1.18 -16.81 14.95
N ASP A 94 0.96 -18.12 14.84
CA ASP A 94 -0.31 -18.65 14.37
C ASP A 94 -1.49 -18.38 15.31
N GLN A 95 -1.20 -17.78 16.47
CA GLN A 95 -2.23 -17.48 17.45
C GLN A 95 -2.66 -16.02 17.40
N PHE A 96 -2.15 -15.30 16.41
CA PHE A 96 -2.60 -13.93 16.10
C PHE A 96 -3.29 -13.84 14.74
N PRO A 97 -4.54 -14.35 14.64
CA PRO A 97 -5.20 -14.44 13.34
C PRO A 97 -5.97 -13.19 12.98
N ILE A 98 -5.95 -12.19 13.84
CA ILE A 98 -6.78 -11.01 13.57
C ILE A 98 -6.28 -10.13 12.42
N ASP A 99 -7.22 -9.71 11.58
CA ASP A 99 -6.93 -8.91 10.40
C ASP A 99 -6.26 -7.58 10.76
N VAL A 100 -5.49 -7.04 9.82
CA VAL A 100 -4.96 -5.69 9.96
C VAL A 100 -6.14 -4.75 10.14
N PHE A 101 -7.15 -4.91 9.30
CA PHE A 101 -8.28 -3.97 9.26
C PHE A 101 -9.37 -4.20 10.32
N GLN A 102 -8.88 -4.23 11.57
CA GLN A 102 -9.67 -4.39 12.77
C GLN A 102 -9.95 -2.98 13.33
N THR A 103 -10.65 -2.92 14.47
CA THR A 103 -10.87 -1.66 15.19
C THR A 103 -9.57 -0.88 15.29
N GLY A 104 -9.66 0.43 15.04
CA GLY A 104 -8.49 1.28 14.80
C GLY A 104 -7.59 1.61 15.98
N SER A 105 -7.95 1.14 17.16
CA SER A 105 -7.11 1.34 18.35
C SER A 105 -6.21 0.11 18.56
N GLY A 106 -6.48 -0.93 17.76
CA GLY A 106 -5.96 -2.25 18.03
C GLY A 106 -6.50 -2.97 19.27
N THR A 107 -7.74 -2.67 19.69
CA THR A 107 -8.31 -3.34 20.86
C THR A 107 -8.21 -4.84 20.70
N SER A 108 -8.52 -5.31 19.49
CA SER A 108 -8.61 -6.71 19.19
C SER A 108 -7.27 -7.42 19.31
N SER A 109 -6.22 -6.87 18.72
CA SER A 109 -4.88 -7.43 18.84
C SER A 109 -4.33 -7.32 20.29
N ASN A 110 -4.68 -6.26 21.00
CA ASN A 110 -4.28 -6.16 22.42
C ASN A 110 -4.93 -7.29 23.25
N MET A 111 -6.21 -7.54 23.00
CA MET A 111 -6.95 -8.67 23.62
C MET A 111 -6.43 -10.03 23.14
N ASN A 112 -6.03 -10.08 21.88
CA ASN A 112 -5.38 -11.26 21.32
C ASN A 112 -4.22 -11.65 22.20
N ALA A 113 -3.35 -10.68 22.48
CA ALA A 113 -2.17 -10.93 23.27
C ALA A 113 -2.56 -11.32 24.68
N ASN A 114 -3.55 -10.62 25.24
CA ASN A 114 -4.00 -10.88 26.60
C ASN A 114 -4.55 -12.28 26.74
N GLU A 115 -5.38 -12.66 25.77
CA GLU A 115 -6.00 -13.98 25.79
C GLU A 115 -4.98 -15.09 25.58
N VAL A 116 -4.05 -14.86 24.66
CA VAL A 116 -3.09 -15.91 24.32
C VAL A 116 -2.21 -16.19 25.52
N ILE A 117 -1.66 -15.14 26.13
CA ILE A 117 -0.90 -15.26 27.35
C ILE A 117 -1.67 -16.04 28.44
N ALA A 118 -2.97 -15.76 28.58
CA ALA A 118 -3.78 -16.43 29.58
C ALA A 118 -3.88 -17.91 29.31
N SER A 119 -4.04 -18.27 28.04
CA SER A 119 -4.13 -19.68 27.65
C SER A 119 -2.81 -20.40 27.84
N ILE A 120 -1.71 -19.71 27.54
CA ILE A 120 -0.38 -20.29 27.72
C ILE A 120 -0.16 -20.56 29.20
N ALA A 121 -0.44 -19.54 30.01
CA ALA A 121 -0.23 -19.64 31.45
C ALA A 121 -1.08 -20.77 32.06
N ALA A 122 -2.24 -21.04 31.49
CA ALA A 122 -3.12 -22.09 32.00
C ALA A 122 -2.62 -23.53 31.65
N GLN A 123 -1.89 -23.65 30.56
CA GLN A 123 -1.37 -24.96 30.19
C GLN A 123 0.10 -25.17 30.57
N ALA A 124 0.63 -24.27 31.41
CA ALA A 124 1.97 -24.40 31.97
C ALA A 124 2.05 -25.45 33.08
N THR A 125 3.26 -25.65 33.63
CA THR A 125 3.48 -26.61 34.74
C THR A 125 4.11 -25.88 35.91
N PRO A 126 3.31 -25.54 36.95
CA PRO A 126 1.88 -25.86 37.11
C PRO A 126 0.99 -24.84 36.41
N PRO A 127 -0.30 -25.16 36.18
CA PRO A 127 -1.17 -24.15 35.56
C PRO A 127 -1.30 -22.87 36.41
N VAL A 128 -1.32 -21.72 35.75
CA VAL A 128 -1.54 -20.47 36.46
C VAL A 128 -2.67 -19.73 35.78
N VAL A 129 -3.70 -19.39 36.55
CA VAL A 129 -4.88 -18.68 36.05
C VAL A 129 -4.64 -17.18 36.15
N VAL A 130 -4.55 -16.50 35.01
CA VAL A 130 -4.52 -15.02 34.94
C VAL A 130 -5.70 -14.53 34.10
N HIS A 131 -6.32 -13.44 34.52
CA HIS A 131 -7.48 -12.93 33.79
C HIS A 131 -6.98 -12.04 32.64
N PRO A 132 -7.51 -12.23 31.42
CA PRO A 132 -6.92 -11.43 30.32
C PRO A 132 -7.01 -9.91 30.50
N ASN A 133 -8.06 -9.42 31.16
CA ASN A 133 -8.21 -7.96 31.41
C ASN A 133 -7.54 -7.56 32.71
N ASP A 134 -7.94 -8.19 33.82
CA ASP A 134 -7.55 -7.74 35.16
C ASP A 134 -6.06 -7.96 35.41
N ASP A 135 -5.51 -9.05 34.88
CA ASP A 135 -4.13 -9.40 35.12
C ASP A 135 -3.18 -9.06 33.96
N VAL A 136 -3.40 -9.64 32.79
CA VAL A 136 -2.47 -9.44 31.68
C VAL A 136 -2.52 -8.00 31.17
N ASN A 137 -3.70 -7.39 31.29
CA ASN A 137 -3.89 -5.97 30.92
C ASN A 137 -3.80 -4.95 32.09
N MET A 138 -3.36 -5.40 33.27
CA MET A 138 -3.28 -4.49 34.39
C MET A 138 -2.50 -3.20 34.03
N SER A 139 -3.08 -2.05 34.36
CA SER A 139 -2.45 -0.73 34.18
C SER A 139 -2.35 -0.29 32.72
N GLN A 140 -3.01 -1.00 31.81
CA GLN A 140 -2.83 -0.79 30.37
C GLN A 140 -4.15 -0.47 29.73
N SER A 141 -4.09 0.19 28.60
CA SER A 141 -5.24 0.26 27.70
C SER A 141 -4.66 -0.22 26.38
N SER A 142 -5.52 -0.45 25.39
CA SER A 142 -5.05 -0.71 24.04
C SER A 142 -4.52 0.61 23.50
N ASN A 143 -5.02 1.70 24.06
CA ASN A 143 -4.76 3.02 23.50
C ASN A 143 -3.37 3.51 23.68
N ASP A 144 -2.66 3.00 24.70
CA ASP A 144 -1.22 3.24 24.87
C ASP A 144 -0.40 2.04 24.43
N THR A 145 -0.85 0.83 24.76
CA THR A 145 -0.04 -0.34 24.45
C THR A 145 0.08 -0.62 22.96
N PHE A 146 -1.04 -0.59 22.22
CA PHE A 146 -0.95 -0.88 20.80
C PHE A 146 -0.12 0.13 20.00
N PRO A 147 -0.29 1.43 20.26
CA PRO A 147 0.66 2.27 19.53
C PRO A 147 2.08 2.23 20.16
N THR A 148 2.20 1.88 21.44
CA THR A 148 3.56 1.65 21.98
C THR A 148 4.26 0.53 21.22
N ALA A 149 3.55 -0.60 20.98
CA ALA A 149 4.13 -1.73 20.27
C ALA A 149 4.47 -1.37 18.83
N THR A 150 3.71 -0.44 18.29
CA THR A 150 3.90 0.05 16.94
C THR A 150 5.18 0.89 16.82
N HIS A 151 5.30 1.90 17.66
CA HIS A 151 6.48 2.77 17.70
C HIS A 151 7.78 2.04 18.06
N LEU A 152 7.66 1.09 18.99
CA LEU A 152 8.73 0.14 19.30
C LEU A 152 9.18 -0.68 18.09
N ALA A 153 8.23 -1.29 17.38
CA ALA A 153 8.60 -2.06 16.19
C ALA A 153 9.23 -1.12 15.12
N ALA A 154 8.66 0.07 14.97
CA ALA A 154 9.10 1.03 13.95
C ALA A 154 10.50 1.50 14.26
N THR A 155 10.77 1.81 15.54
CA THR A 155 12.11 2.19 16.00
C THR A 155 13.10 1.07 15.71
N GLU A 156 12.73 -0.16 16.09
CA GLU A 156 13.55 -1.34 15.85
C GLU A 156 13.90 -1.46 14.34
N ALA A 157 12.87 -1.37 13.49
CA ALA A 157 13.06 -1.49 12.03
C ALA A 157 13.98 -0.38 11.51
N ALA A 158 13.77 0.84 11.97
CA ALA A 158 14.64 1.97 11.60
C ALA A 158 16.12 1.70 11.96
N VAL A 159 16.35 1.35 13.21
CA VAL A 159 17.67 1.32 13.83
C VAL A 159 18.41 0.04 13.53
N ARG A 160 17.73 -1.09 13.62
CA ARG A 160 18.35 -2.40 13.39
C ARG A 160 18.24 -2.87 11.94
N ASP A 161 17.21 -2.42 11.22
CA ASP A 161 16.96 -2.96 9.88
C ASP A 161 17.36 -1.95 8.76
N LEU A 162 16.66 -0.82 8.67
CA LEU A 162 16.91 0.10 7.56
C LEU A 162 18.28 0.76 7.59
N ILE A 163 18.62 1.40 8.69
CA ILE A 163 19.86 2.16 8.77
C ILE A 163 21.07 1.30 8.40
N PRO A 164 21.24 0.12 9.05
CA PRO A 164 22.31 -0.79 8.65
C PRO A 164 22.33 -1.16 7.16
N ALA A 165 21.17 -1.44 6.58
CA ALA A 165 21.08 -1.70 5.14
C ALA A 165 21.53 -0.47 4.32
N LEU A 166 20.96 0.70 4.64
CA LEU A 166 21.37 1.94 3.99
C LEU A 166 22.86 2.20 4.19
N GLU A 167 23.39 1.90 5.37
CA GLU A 167 24.84 2.09 5.60
C GLU A 167 25.63 1.21 4.63
N TYR A 168 25.07 0.06 4.32
CA TYR A 168 25.75 -0.94 3.52
C TYR A 168 25.66 -0.54 2.04
N LEU A 169 24.49 -0.06 1.63
CA LEU A 169 24.33 0.50 0.31
C LEU A 169 25.26 1.69 0.09
N GLN A 170 25.31 2.60 1.05
CA GLN A 170 26.19 3.77 0.98
C GLN A 170 27.68 3.44 0.83
N GLN A 171 28.12 2.44 1.59
CA GLN A 171 29.49 2.03 1.53
C GLN A 171 29.78 1.47 0.13
N ALA A 172 28.86 0.66 -0.39
CA ALA A 172 29.00 0.12 -1.74
C ALA A 172 29.05 1.21 -2.84
N LEU A 173 28.27 2.27 -2.66
CA LEU A 173 28.29 3.39 -3.59
C LEU A 173 29.59 4.16 -3.45
N ALA A 174 30.00 4.45 -2.23
CA ALA A 174 31.24 5.17 -1.99
C ALA A 174 32.45 4.38 -2.51
N THR A 175 32.41 3.06 -2.39
CA THR A 175 33.42 2.18 -3.01
C THR A 175 33.53 2.39 -4.55
N LYS A 176 32.40 2.55 -5.23
CA LYS A 176 32.44 2.88 -6.66
C LYS A 176 32.92 4.31 -6.91
N ALA A 177 32.52 5.24 -6.04
CA ALA A 177 32.99 6.65 -6.10
C ALA A 177 34.53 6.77 -6.10
N LYS A 178 35.18 5.97 -5.27
CA LYS A 178 36.64 5.90 -5.17
C LYS A 178 37.26 5.10 -6.33
N ALA A 179 36.70 3.94 -6.65
CA ALA A 179 37.21 3.08 -7.73
C ALA A 179 37.10 3.76 -9.08
N TRP A 180 36.10 4.63 -9.24
CA TRP A 180 35.86 5.23 -10.56
C TRP A 180 36.16 6.73 -10.61
N LYS A 181 36.98 7.21 -9.67
CA LYS A 181 37.22 8.65 -9.58
C LYS A 181 37.83 9.29 -10.82
N THR A 182 38.60 8.56 -11.62
CA THR A 182 39.17 9.16 -12.83
C THR A 182 38.62 8.50 -14.08
N VAL A 183 37.46 7.89 -13.99
CA VAL A 183 36.83 7.28 -15.15
C VAL A 183 35.96 8.32 -15.85
N VAL A 184 36.56 9.07 -16.76
CA VAL A 184 35.87 10.19 -17.41
C VAL A 184 34.76 9.72 -18.37
N LYS A 185 33.76 10.58 -18.51
CA LYS A 185 32.57 10.33 -19.35
C LYS A 185 31.83 11.65 -19.58
N SER A 186 30.77 11.62 -20.36
CA SER A 186 30.03 12.85 -20.60
C SER A 186 28.90 13.03 -19.60
N GLY A 187 28.95 14.15 -18.88
CA GLY A 187 27.79 14.55 -18.07
C GLY A 187 26.61 14.68 -19.01
N ARG A 188 25.42 14.60 -18.46
CA ARG A 188 24.21 14.79 -19.21
C ARG A 188 23.25 15.60 -18.38
N THR A 189 22.82 16.75 -18.89
CA THR A 189 21.75 17.50 -18.24
C THR A 189 20.59 17.65 -19.23
N HIS A 190 19.36 17.37 -18.77
CA HIS A 190 18.15 17.38 -19.64
C HIS A 190 18.18 16.24 -20.63
N LEU A 191 19.08 15.27 -20.38
CA LEU A 191 19.32 14.13 -21.25
C LEU A 191 20.23 14.51 -22.45
N MET A 192 20.67 15.76 -22.51
CA MET A 192 21.55 16.23 -23.58
C MET A 192 23.02 16.33 -23.16
N ASP A 193 23.93 16.17 -24.14
CA ASP A 193 25.38 16.25 -23.94
C ASP A 193 25.78 17.49 -23.12
N ALA A 194 26.31 17.27 -21.93
CA ALA A 194 26.80 18.38 -21.12
C ALA A 194 28.32 18.38 -21.14
N VAL A 195 28.94 18.71 -20.01
CA VAL A 195 30.37 18.69 -19.90
C VAL A 195 30.84 17.47 -19.10
N PRO A 196 32.14 17.09 -19.22
CA PRO A 196 32.62 15.85 -18.61
C PRO A 196 32.41 15.78 -17.11
N VAL A 197 32.13 14.57 -16.68
CA VAL A 197 32.18 14.17 -15.27
C VAL A 197 32.90 12.82 -15.25
N THR A 198 33.12 12.29 -14.07
CA THR A 198 33.62 10.94 -13.94
C THR A 198 32.48 10.08 -13.42
N LEU A 199 32.61 8.78 -13.59
CA LEU A 199 31.59 7.87 -13.11
C LEU A 199 31.60 7.90 -11.58
N GLY A 200 32.81 8.07 -11.04
CA GLY A 200 33.04 8.18 -9.62
C GLY A 200 32.28 9.33 -9.01
N GLN A 201 32.39 10.51 -9.61
CA GLN A 201 31.64 11.67 -9.11
C GLN A 201 30.12 11.38 -9.06
N GLU A 202 29.60 10.70 -10.07
CA GLU A 202 28.17 10.33 -10.08
C GLU A 202 27.84 9.45 -8.88
N PHE A 203 28.62 8.38 -8.73
CA PHE A 203 28.46 7.44 -7.61
C PHE A 203 28.69 8.06 -6.22
N GLY A 204 29.50 9.13 -6.15
CA GLY A 204 29.64 9.91 -4.92
C GLY A 204 28.36 10.64 -4.63
N GLY A 205 27.69 11.09 -5.71
CA GLY A 205 26.38 11.71 -5.61
C GLY A 205 25.42 10.75 -4.94
N TYR A 206 25.37 9.54 -5.49
CA TYR A 206 24.46 8.51 -5.01
C TYR A 206 24.75 8.15 -3.57
N ALA A 207 26.04 8.09 -3.22
CA ALA A 207 26.44 7.72 -1.87
C ALA A 207 25.93 8.78 -0.89
N ARG A 208 25.99 10.05 -1.30
CA ARG A 208 25.48 11.12 -0.46
C ARG A 208 23.98 11.06 -0.34
N GLN A 209 23.27 10.72 -1.42
CA GLN A 209 21.81 10.60 -1.34
C GLN A 209 21.46 9.60 -0.24
N ILE A 210 22.23 8.52 -0.19
CA ILE A 210 21.95 7.46 0.79
C ILE A 210 22.40 7.90 2.18
N GLU A 211 23.54 8.59 2.28
CA GLU A 211 23.99 9.14 3.56
C GLU A 211 22.97 10.13 4.14
N ALA A 212 22.48 11.03 3.30
CA ALA A 212 21.42 11.97 3.68
C ALA A 212 20.10 11.22 4.03
N GLY A 213 19.87 10.07 3.40
CA GLY A 213 18.76 9.20 3.81
C GLY A 213 18.90 8.64 5.24
N ILE A 214 20.12 8.23 5.59
CA ILE A 214 20.41 7.78 6.95
C ILE A 214 20.18 8.95 7.90
N GLU A 215 20.67 10.11 7.49
CA GLU A 215 20.47 11.32 8.27
C GLU A 215 18.98 11.59 8.47
N ARG A 216 18.20 11.33 7.42
CA ARG A 216 16.74 11.61 7.44
C ARG A 216 16.04 10.68 8.41
N VAL A 217 16.33 9.39 8.32
CA VAL A 217 15.78 8.43 9.25
C VAL A 217 16.13 8.79 10.71
N LYS A 218 17.39 9.19 10.95
CA LYS A 218 17.83 9.47 12.33
C LYS A 218 17.07 10.66 12.90
N ALA A 219 16.82 11.65 12.05
CA ALA A 219 16.20 12.89 12.51
C ALA A 219 14.72 12.68 12.90
N THR A 220 14.09 11.60 12.46
CA THR A 220 12.73 11.27 12.91
C THR A 220 12.75 10.53 14.27
N LEU A 221 13.85 9.85 14.59
CA LEU A 221 13.85 9.00 15.79
C LEU A 221 13.45 9.63 17.12
N PRO A 222 13.77 10.92 17.33
CA PRO A 222 13.44 11.44 18.66
C PRO A 222 11.94 11.47 18.94
N ARG A 223 11.14 11.48 17.86
CA ARG A 223 9.70 11.48 17.98
C ARG A 223 9.12 10.12 17.56
N LEU A 224 9.80 9.39 16.66
CA LEU A 224 9.32 8.05 16.28
C LEU A 224 9.51 7.17 17.48
N GLY A 225 10.57 7.47 18.26
CA GLY A 225 10.86 6.78 19.51
C GLY A 225 9.90 6.99 20.69
N GLU A 226 9.04 7.99 20.64
CA GLU A 226 8.13 8.27 21.77
C GLU A 226 7.01 7.25 21.86
N LEU A 227 6.82 6.74 23.06
CA LEU A 227 5.87 5.70 23.33
C LEU A 227 4.88 6.26 24.32
N PRO A 228 3.59 6.02 24.09
CA PRO A 228 2.55 6.54 24.97
C PRO A 228 2.26 5.69 26.21
N ILE A 229 2.95 4.56 26.33
CA ILE A 229 2.72 3.65 27.44
C ILE A 229 2.64 4.46 28.73
N GLY A 230 1.62 4.20 29.54
CA GLY A 230 1.41 5.01 30.77
C GLY A 230 0.15 5.86 30.73
N GLY A 231 -0.24 6.28 29.51
CA GLY A 231 -1.39 7.15 29.31
C GLY A 231 -2.72 6.42 29.39
N THR A 232 -2.66 5.09 29.38
CA THR A 232 -3.86 4.25 29.38
C THR A 232 -4.93 4.77 28.41
N ALA A 233 -6.16 4.98 28.90
CA ALA A 233 -7.34 5.13 28.05
C ALA A 233 -7.39 6.42 27.24
N VAL A 234 -7.04 7.53 27.87
CA VAL A 234 -7.18 8.83 27.21
C VAL A 234 -5.93 9.69 27.25
N GLY A 235 -4.95 9.26 28.06
CA GLY A 235 -3.66 9.92 28.17
C GLY A 235 -3.46 10.47 29.57
N THR A 236 -4.52 10.33 30.38
CA THR A 236 -4.46 10.73 31.79
C THR A 236 -3.78 9.70 32.68
N GLY A 237 -3.54 8.49 32.17
CA GLY A 237 -2.92 7.43 32.97
C GLY A 237 -3.77 6.87 34.10
N LEU A 238 -5.05 7.14 34.05
CA LEU A 238 -5.99 6.55 34.98
C LEU A 238 -5.85 5.02 34.97
N ASN A 239 -5.88 4.46 36.19
CA ASN A 239 -5.74 3.01 36.44
C ASN A 239 -4.30 2.53 36.26
N ALA A 240 -3.38 3.46 35.97
CA ALA A 240 -1.96 3.13 36.00
C ALA A 240 -1.34 3.83 37.20
N PRO A 241 -0.37 3.18 37.85
CA PRO A 241 0.38 3.80 38.93
C PRO A 241 1.25 4.95 38.42
N ASP A 242 1.65 5.85 39.32
CA ASP A 242 2.58 6.94 39.04
C ASP A 242 3.83 6.36 38.46
N GLY A 243 4.31 6.94 37.36
CA GLY A 243 5.58 6.52 36.79
C GLY A 243 5.58 5.19 36.08
N PHE A 244 4.40 4.65 35.76
CA PHE A 244 4.32 3.36 35.08
C PHE A 244 5.06 3.36 33.73
N GLY A 245 4.84 4.43 32.96
CA GLY A 245 5.35 4.52 31.61
C GLY A 245 6.85 4.57 31.62
N ALA A 246 7.37 5.48 32.45
CA ALA A 246 8.83 5.57 32.69
C ALA A 246 9.43 4.20 33.02
N LYS A 247 8.79 3.45 33.91
CA LYS A 247 9.32 2.14 34.33
C LYS A 247 9.24 1.08 33.23
N VAL A 248 8.18 1.10 32.44
CA VAL A 248 8.07 0.20 31.31
C VAL A 248 9.16 0.52 30.29
N VAL A 249 9.30 1.80 29.93
CA VAL A 249 10.30 2.20 28.96
C VAL A 249 11.69 1.79 29.46
N GLU A 250 11.99 1.99 30.74
CA GLU A 250 13.25 1.54 31.29
C GLU A 250 13.48 0.03 31.05
N VAL A 251 12.44 -0.80 31.21
CA VAL A 251 12.60 -2.24 30.98
C VAL A 251 12.83 -2.52 29.50
N LEU A 252 12.04 -1.87 28.66
CA LEU A 252 12.12 -2.05 27.22
C LEU A 252 13.49 -1.60 26.66
N LYS A 253 14.00 -0.45 27.13
CA LYS A 253 15.34 0.02 26.74
C LYS A 253 16.39 -1.02 27.10
N GLN A 254 16.26 -1.61 28.29
CA GLN A 254 17.26 -2.57 28.76
C GLN A 254 17.21 -3.87 27.95
N SER A 255 16.02 -4.36 27.65
CA SER A 255 15.91 -5.64 26.95
C SER A 255 16.15 -5.55 25.43
N THR A 256 15.76 -4.45 24.80
CA THR A 256 15.92 -4.29 23.35
C THR A 256 17.27 -3.69 22.94
N GLY A 257 17.86 -2.89 23.82
CA GLY A 257 19.04 -2.10 23.48
C GLY A 257 18.75 -0.93 22.55
N LEU A 258 17.48 -0.53 22.45
CA LEU A 258 17.11 0.60 21.61
C LEU A 258 17.21 1.88 22.44
N SER A 259 18.27 2.65 22.18
CA SER A 259 18.58 3.82 22.99
C SER A 259 17.55 4.91 22.77
N GLU A 260 16.88 4.87 21.63
CA GLU A 260 15.97 5.93 21.23
C GLU A 260 14.54 5.87 21.83
N LEU A 261 14.20 4.80 22.56
CA LEU A 261 12.87 4.71 23.18
C LEU A 261 12.76 5.71 24.30
N LYS A 262 11.61 6.34 24.41
CA LYS A 262 11.38 7.30 25.50
C LYS A 262 9.89 7.45 25.72
N THR A 263 9.52 7.88 26.92
CA THR A 263 8.13 8.25 27.19
C THR A 263 7.76 9.46 26.31
N ALA A 264 6.46 9.72 26.17
CA ALA A 264 5.95 10.82 25.34
C ALA A 264 6.18 12.18 26.00
N SER A 265 6.42 13.23 25.20
CA SER A 265 6.50 14.60 25.72
C SER A 265 5.14 15.04 26.23
N ASP A 266 4.11 14.76 25.44
CA ASP A 266 2.77 15.03 25.89
C ASP A 266 1.97 13.77 25.70
N SER A 267 1.36 13.33 26.80
CA SER A 267 0.68 12.05 26.81
C SER A 267 -0.65 12.04 26.03
N PHE A 268 -1.23 13.22 25.80
CA PHE A 268 -2.46 13.31 24.99
C PHE A 268 -2.13 13.39 23.49
N GLU A 269 -1.05 14.07 23.15
CA GLU A 269 -0.55 14.06 21.78
C GLU A 269 -0.18 12.64 21.30
N ALA A 270 0.36 11.85 22.19
CA ALA A 270 0.83 10.51 21.84
C ALA A 270 -0.29 9.50 21.67
N GLN A 271 -1.52 9.90 21.99
CA GLN A 271 -2.63 8.98 21.78
C GLN A 271 -3.67 9.56 20.82
N ALA A 272 -3.86 10.88 20.87
CA ALA A 272 -4.76 11.57 19.94
C ALA A 272 -4.19 11.61 18.54
N ALA A 273 -2.89 11.35 18.40
CA ALA A 273 -2.24 11.46 17.09
C ALA A 273 -1.24 10.36 16.90
N ARG A 274 -0.91 10.05 15.65
CA ARG A 274 0.23 9.21 15.30
C ARG A 274 1.15 9.99 14.36
N ASP A 275 1.32 11.30 14.65
CA ASP A 275 2.10 12.18 13.78
C ASP A 275 3.57 11.71 13.64
N GLY A 276 4.08 11.01 14.65
CA GLY A 276 5.41 10.41 14.56
C GLY A 276 5.53 9.39 13.45
N LEU A 277 4.44 8.66 13.23
CA LEU A 277 4.40 7.69 12.13
C LEU A 277 4.38 8.41 10.78
N VAL A 278 3.61 9.50 10.71
CA VAL A 278 3.65 10.38 9.53
C VAL A 278 5.05 10.96 9.27
N GLU A 279 5.73 11.37 10.35
CA GLU A 279 7.08 11.90 10.21
C GLU A 279 8.06 10.83 9.68
N GLY A 280 8.03 9.63 10.27
CA GLY A 280 8.89 8.56 9.82
C GLY A 280 8.66 8.19 8.35
N SER A 281 7.38 8.18 7.94
CA SER A 281 7.03 7.89 6.55
C SER A 281 7.64 8.91 5.56
N GLY A 282 7.72 10.17 5.99
CA GLY A 282 8.27 11.23 5.16
C GLY A 282 9.76 11.03 4.86
N ALA A 283 10.46 10.40 5.79
CA ALA A 283 11.87 10.11 5.62
C ALA A 283 12.04 9.05 4.50
N LEU A 284 11.19 8.03 4.54
CA LEU A 284 11.30 6.86 3.69
C LEU A 284 10.82 7.17 2.29
N LYS A 285 9.85 8.08 2.19
CA LYS A 285 9.38 8.55 0.88
C LYS A 285 10.48 9.39 0.23
N THR A 286 11.25 10.14 1.02
CA THR A 286 12.42 10.83 0.48
C THR A 286 13.44 9.83 -0.06
N ILE A 287 13.71 8.78 0.72
CA ILE A 287 14.60 7.70 0.30
C ILE A 287 14.08 7.01 -0.99
N ALA A 288 12.79 6.74 -1.05
CA ALA A 288 12.18 6.19 -2.27
C ALA A 288 12.53 7.08 -3.47
N ALA A 289 12.51 8.41 -3.27
CA ALA A 289 12.88 9.35 -4.34
C ALA A 289 14.34 9.26 -4.70
N SER A 290 15.22 9.17 -3.68
CA SER A 290 16.66 9.01 -3.93
C SER A 290 16.93 7.71 -4.67
N LEU A 291 16.36 6.63 -4.12
CA LEU A 291 16.58 5.30 -4.70
C LEU A 291 16.06 5.22 -6.13
N THR A 292 14.90 5.80 -6.42
CA THR A 292 14.35 5.78 -7.78
C THR A 292 15.35 6.41 -8.75
N LYS A 293 15.89 7.56 -8.37
CA LYS A 293 16.94 8.27 -9.12
C LYS A 293 18.19 7.42 -9.33
N ILE A 294 18.67 6.83 -8.25
CA ILE A 294 19.90 6.05 -8.31
C ILE A 294 19.73 4.82 -9.24
N ALA A 295 18.67 4.08 -9.02
CA ALA A 295 18.37 2.88 -9.75
C ALA A 295 18.16 3.18 -11.21
N ASN A 296 17.54 4.34 -11.47
CA ASN A 296 17.28 4.77 -12.84
C ASN A 296 18.50 5.11 -13.65
N ASP A 297 19.44 5.79 -13.02
CA ASP A 297 20.70 6.15 -13.66
C ASP A 297 21.51 4.91 -13.94
N ILE A 298 21.42 3.94 -13.02
CA ILE A 298 22.14 2.69 -13.16
C ILE A 298 21.57 1.83 -14.32
N ARG A 299 20.24 1.63 -14.38
CA ARG A 299 19.69 0.88 -15.53
C ARG A 299 19.90 1.62 -16.87
N TRP A 300 19.81 2.95 -16.86
CA TRP A 300 20.12 3.72 -18.06
C TRP A 300 21.55 3.57 -18.53
N MET A 301 22.50 3.70 -17.58
CA MET A 301 23.91 3.45 -17.89
C MET A 301 24.15 2.04 -18.43
N GLY A 302 23.42 1.06 -17.90
CA GLY A 302 23.54 -0.31 -18.35
C GLY A 302 22.70 -0.63 -19.57
N SER A 303 22.00 0.36 -20.13
CA SER A 303 21.12 0.07 -21.25
C SER A 303 21.89 -0.35 -22.48
N GLY A 304 21.38 -1.36 -23.18
CA GLY A 304 22.01 -1.93 -24.36
C GLY A 304 21.61 -3.39 -24.52
N PRO A 305 22.56 -4.27 -24.90
CA PRO A 305 24.00 -3.99 -25.14
C PRO A 305 24.30 -2.97 -26.23
N LEU A 306 23.52 -2.93 -27.31
CA LEU A 306 23.96 -2.15 -28.49
C LEU A 306 23.21 -0.84 -28.85
N THR A 307 21.96 -0.70 -28.41
CA THR A 307 21.13 0.42 -28.86
C THR A 307 20.92 1.44 -27.74
N GLY A 308 21.65 1.29 -26.64
CA GLY A 308 21.48 2.18 -25.50
C GLY A 308 22.67 3.08 -25.25
N LEU A 309 22.86 3.43 -23.99
CA LEU A 309 24.01 4.23 -23.56
C LEU A 309 25.25 3.38 -23.40
N GLY A 310 25.07 2.10 -23.06
CA GLY A 310 26.20 1.14 -23.00
C GLY A 310 27.40 1.55 -22.15
N GLU A 311 27.13 2.23 -21.04
CA GLU A 311 28.17 2.81 -20.17
C GLU A 311 28.73 1.81 -19.16
N ILE A 312 27.87 0.98 -18.60
CA ILE A 312 28.31 0.01 -17.62
C ILE A 312 27.69 -1.37 -17.85
N GLN A 313 28.29 -2.40 -17.27
CA GLN A 313 27.68 -3.73 -17.29
C GLN A 313 27.18 -4.10 -15.91
N LEU A 314 25.89 -4.40 -15.85
CA LEU A 314 25.30 -4.96 -14.65
C LEU A 314 25.47 -6.46 -14.61
N PRO A 315 25.73 -6.98 -13.40
CA PRO A 315 25.72 -8.44 -13.23
C PRO A 315 24.41 -9.06 -13.68
N ASP A 316 24.53 -10.12 -14.46
CA ASP A 316 23.43 -10.95 -14.93
C ASP A 316 22.88 -11.71 -13.72
N LEU A 317 21.56 -11.75 -13.58
CA LEU A 317 20.99 -12.41 -12.41
C LEU A 317 20.04 -13.55 -12.81
N GLN A 318 19.51 -13.48 -14.02
CA GLN A 318 18.52 -14.43 -14.51
C GLN A 318 18.27 -14.14 -15.97
N PRO A 319 17.93 -15.20 -16.75
CA PRO A 319 17.54 -14.93 -18.14
C PRO A 319 16.49 -13.83 -18.19
N GLY A 320 16.64 -12.90 -19.12
CA GLY A 320 15.79 -11.71 -19.14
C GLY A 320 14.40 -11.95 -19.70
N SER A 321 14.28 -12.89 -20.63
CA SER A 321 13.09 -12.97 -21.45
C SER A 321 12.61 -14.37 -21.79
N SER A 322 11.32 -14.63 -21.55
CA SER A 322 10.71 -15.88 -21.95
C SER A 322 10.76 -16.09 -23.47
N ILE A 323 11.01 -15.01 -24.22
CA ILE A 323 10.88 -15.06 -25.68
C ILE A 323 12.14 -14.59 -26.45
N MET A 324 12.76 -13.50 -25.98
CA MET A 324 13.97 -12.96 -26.58
C MET A 324 15.21 -13.64 -26.00
N PRO A 325 15.81 -14.55 -26.77
CA PRO A 325 16.79 -15.41 -26.14
C PRO A 325 18.11 -14.66 -25.96
N GLY A 326 18.75 -14.82 -24.80
CA GLY A 326 20.04 -14.18 -24.53
C GLY A 326 19.95 -12.82 -23.89
N LYS A 327 18.80 -12.17 -24.03
CA LYS A 327 18.56 -10.86 -23.42
C LYS A 327 18.64 -11.00 -21.89
N VAL A 328 19.26 -10.00 -21.25
CA VAL A 328 19.32 -9.92 -19.78
C VAL A 328 18.83 -8.51 -19.40
N ASN A 329 18.11 -8.43 -18.28
CA ASN A 329 17.42 -7.20 -17.89
C ASN A 329 17.83 -6.68 -16.51
N PRO A 330 17.83 -5.35 -16.33
CA PRO A 330 18.25 -4.76 -15.05
C PRO A 330 17.18 -5.00 -13.99
N VAL A 331 17.04 -6.25 -13.58
CA VAL A 331 15.95 -6.68 -12.71
C VAL A 331 16.01 -6.06 -11.33
N LEU A 332 17.22 -5.91 -10.79
CA LEU A 332 17.41 -5.31 -9.48
C LEU A 332 16.99 -3.83 -9.45
N PRO A 333 17.45 -3.01 -10.43
CA PRO A 333 16.88 -1.68 -10.45
C PRO A 333 15.37 -1.70 -10.61
N GLU A 334 14.80 -2.72 -11.25
CA GLU A 334 13.36 -2.76 -11.38
C GLU A 334 12.72 -3.03 -10.04
N ALA A 335 13.38 -3.86 -9.23
CA ALA A 335 12.89 -4.18 -7.89
C ALA A 335 12.97 -2.94 -7.00
N VAL A 336 14.06 -2.20 -7.17
CA VAL A 336 14.30 -1.00 -6.36
C VAL A 336 13.21 0.04 -6.66
N THR A 337 12.93 0.26 -7.95
CA THR A 337 11.98 1.30 -8.36
C THR A 337 10.53 0.92 -8.05
N GLN A 338 10.26 -0.37 -8.04
CA GLN A 338 8.93 -0.81 -7.66
C GLN A 338 8.69 -0.65 -6.17
N VAL A 339 9.70 -0.96 -5.38
CA VAL A 339 9.64 -0.77 -3.94
C VAL A 339 9.38 0.71 -3.61
N ALA A 340 10.09 1.59 -4.31
CA ALA A 340 10.01 3.03 -4.12
C ALA A 340 8.58 3.48 -4.35
N ALA A 341 7.97 2.95 -5.41
CA ALA A 341 6.57 3.21 -5.69
C ALA A 341 5.66 2.76 -4.55
N GLN A 342 5.93 1.58 -3.99
CA GLN A 342 5.14 1.07 -2.88
C GLN A 342 5.27 1.94 -1.63
N VAL A 343 6.51 2.29 -1.26
CA VAL A 343 6.76 3.24 -0.18
C VAL A 343 6.01 4.56 -0.38
N ILE A 344 6.00 5.07 -1.61
CA ILE A 344 5.26 6.30 -1.88
C ILE A 344 3.76 6.09 -1.64
N GLY A 345 3.18 5.05 -2.22
CA GLY A 345 1.76 4.77 -1.97
C GLY A 345 1.46 4.58 -0.48
N ASN A 346 2.32 3.84 0.22
CA ASN A 346 2.17 3.58 1.67
C ASN A 346 2.20 4.88 2.43
N ASP A 347 3.09 5.78 2.01
CA ASP A 347 3.18 7.09 2.63
C ASP A 347 1.84 7.78 2.60
N ALA A 348 1.16 7.74 1.45
CA ALA A 348 -0.12 8.42 1.30
C ALA A 348 -1.19 7.79 2.18
N ALA A 349 -1.08 6.48 2.41
CA ALA A 349 -2.05 5.79 3.21
C ALA A 349 -1.84 6.19 4.66
N ILE A 350 -0.58 6.29 5.07
CA ILE A 350 -0.22 6.76 6.40
C ILE A 350 -0.73 8.20 6.68
N THR A 351 -0.62 9.05 5.67
CA THR A 351 -1.03 10.46 5.76
C THR A 351 -2.53 10.61 6.02
N VAL A 352 -3.33 9.83 5.28
CA VAL A 352 -4.77 9.82 5.46
C VAL A 352 -5.11 9.40 6.89
N GLY A 353 -4.53 8.28 7.30
CA GLY A 353 -4.68 7.81 8.67
C GLY A 353 -4.31 8.91 9.65
N GLY A 354 -3.15 9.54 9.44
CA GLY A 354 -2.60 10.48 10.39
C GLY A 354 -3.49 11.70 10.59
N LEU A 355 -4.21 12.10 9.53
CA LEU A 355 -4.97 13.36 9.57
C LEU A 355 -6.36 13.13 10.16
N SER A 356 -6.74 11.85 10.31
CA SER A 356 -8.13 11.48 10.61
C SER A 356 -8.40 11.19 12.10
N GLY A 357 -7.54 11.66 12.98
CA GLY A 357 -7.75 11.43 14.42
C GLY A 357 -8.93 12.22 14.94
N ALA A 358 -9.53 11.78 16.06
CA ALA A 358 -10.58 12.60 16.72
C ALA A 358 -10.42 12.58 18.23
N PHE A 359 -10.49 13.77 18.82
CA PHE A 359 -10.35 13.93 20.27
C PHE A 359 -9.22 13.07 20.84
N GLU A 360 -9.53 12.20 21.80
CA GLU A 360 -8.52 11.45 22.58
C GLU A 360 -7.82 10.29 21.89
N LEU A 361 -8.19 9.98 20.66
CA LEU A 361 -7.65 8.80 20.02
C LEU A 361 -7.66 8.88 18.51
N ASN A 362 -6.50 8.66 17.92
CA ASN A 362 -6.45 8.36 16.49
C ASN A 362 -6.69 6.86 16.30
N VAL A 363 -7.77 6.54 15.60
CA VAL A 363 -8.17 5.16 15.38
C VAL A 363 -7.82 4.66 13.97
N TYR A 364 -6.58 4.89 13.58
CA TYR A 364 -6.03 4.40 12.31
C TYR A 364 -4.67 3.72 12.57
N ILE A 365 -4.46 3.23 13.79
CA ILE A 365 -3.15 2.68 14.15
C ILE A 365 -2.78 1.42 13.38
N PRO A 366 -3.70 0.47 13.23
CA PRO A 366 -3.31 -0.72 12.46
C PRO A 366 -2.88 -0.41 11.01
N VAL A 367 -3.63 0.45 10.32
CA VAL A 367 -3.33 0.71 8.90
C VAL A 367 -2.02 1.48 8.77
N MET A 368 -1.80 2.39 9.71
CA MET A 368 -0.59 3.20 9.71
C MET A 368 0.59 2.33 10.09
N ALA A 369 0.39 1.48 11.11
CA ALA A 369 1.42 0.50 11.50
C ALA A 369 1.85 -0.39 10.31
N ARG A 370 0.84 -1.00 9.69
CA ARG A 370 1.03 -1.84 8.54
C ARG A 370 1.89 -1.17 7.49
N ASN A 371 1.53 0.06 7.12
CA ASN A 371 2.20 0.69 6.01
C ASN A 371 3.62 1.16 6.33
N LEU A 372 3.82 1.72 7.53
CA LEU A 372 5.15 2.22 7.89
C LEU A 372 6.13 1.07 7.96
N LEU A 373 5.76 0.03 8.72
CA LEU A 373 6.64 -1.13 8.87
C LEU A 373 6.93 -1.81 7.52
N GLU A 374 5.93 -1.92 6.64
CA GLU A 374 6.20 -2.50 5.33
C GLU A 374 7.27 -1.69 4.62
N SER A 375 7.07 -0.38 4.54
CA SER A 375 8.04 0.51 3.93
C SER A 375 9.46 0.28 4.42
N PHE A 376 9.67 0.26 5.72
CA PHE A 376 10.95 -0.14 6.33
C PHE A 376 11.49 -1.50 5.82
N THR A 377 10.66 -2.55 5.83
CA THR A 377 11.13 -3.88 5.45
C THR A 377 11.60 -3.90 4.01
N LEU A 378 10.74 -3.44 3.10
CA LEU A 378 11.01 -3.40 1.67
C LEU A 378 12.26 -2.57 1.40
N LEU A 379 12.34 -1.37 1.97
CA LEU A 379 13.54 -0.57 1.77
C LEU A 379 14.80 -1.32 2.22
N ALA A 380 14.75 -1.93 3.40
CA ALA A 380 15.91 -2.60 4.01
C ALA A 380 16.36 -3.81 3.18
N ASN A 381 15.39 -4.66 2.84
CA ASN A 381 15.68 -5.79 1.98
C ASN A 381 16.16 -5.41 0.58
N VAL A 382 15.51 -4.45 -0.06
CA VAL A 382 15.90 -4.12 -1.42
C VAL A 382 17.30 -3.46 -1.45
N SER A 383 17.59 -2.64 -0.45
CA SER A 383 18.91 -2.05 -0.32
C SER A 383 20.05 -3.07 -0.23
N ARG A 384 19.86 -4.12 0.55
CA ARG A 384 20.90 -5.13 0.68
C ARG A 384 21.07 -5.89 -0.65
N LEU A 385 19.96 -6.25 -1.29
CA LEU A 385 20.06 -6.95 -2.58
C LEU A 385 20.68 -6.07 -3.65
N PHE A 386 20.35 -4.78 -3.64
CA PHE A 386 20.85 -3.82 -4.59
C PHE A 386 22.39 -3.79 -4.57
N VAL A 387 22.96 -3.90 -3.36
CA VAL A 387 24.40 -4.02 -3.20
C VAL A 387 24.90 -5.33 -3.74
N ASP A 388 24.34 -6.43 -3.24
CA ASP A 388 24.97 -7.74 -3.47
C ASP A 388 24.76 -8.28 -4.87
N LYS A 389 23.67 -7.91 -5.49
CA LYS A 389 23.34 -8.49 -6.78
C LYS A 389 23.41 -7.49 -7.93
N CYS A 390 23.83 -6.26 -7.64
CA CYS A 390 23.91 -5.23 -8.68
C CYS A 390 25.12 -4.28 -8.50
N VAL A 391 25.03 -3.37 -7.54
CA VAL A 391 26.06 -2.33 -7.34
C VAL A 391 27.51 -2.85 -7.19
N ASP A 392 27.75 -3.80 -6.28
CA ASP A 392 29.10 -4.31 -6.03
C ASP A 392 29.84 -4.80 -7.30
N GLY A 393 29.14 -5.51 -8.19
CA GLY A 393 29.77 -6.11 -9.39
C GLY A 393 29.65 -5.36 -10.71
N LEU A 394 29.19 -4.10 -10.66
CA LEU A 394 29.17 -3.24 -11.84
C LEU A 394 30.57 -3.10 -12.47
N VAL A 395 30.59 -3.09 -13.79
CA VAL A 395 31.82 -2.90 -14.56
C VAL A 395 31.64 -1.75 -15.54
N ALA A 396 32.59 -0.81 -15.48
CA ALA A 396 32.57 0.37 -16.34
C ALA A 396 33.16 0.05 -17.71
N ASN A 397 32.50 0.54 -18.77
CA ASN A 397 33.05 0.47 -20.14
C ASN A 397 33.89 1.72 -20.39
N GLU A 398 35.14 1.69 -19.92
CA GLU A 398 35.95 2.89 -19.79
C GLU A 398 36.30 3.57 -21.11
N ASP A 399 36.63 2.80 -22.16
CA ASP A 399 36.97 3.40 -23.48
C ASP A 399 35.79 4.11 -24.11
N HIS A 400 34.64 3.43 -24.12
CA HIS A 400 33.39 3.96 -24.66
C HIS A 400 32.98 5.24 -23.91
N LEU A 401 33.35 5.30 -22.64
CA LEU A 401 32.96 6.42 -21.81
C LEU A 401 33.83 7.65 -22.08
N ARG A 402 35.12 7.43 -22.34
CA ARG A 402 36.03 8.52 -22.67
C ARG A 402 35.60 9.06 -24.02
N THR A 403 35.21 8.15 -24.93
CA THR A 403 34.76 8.57 -26.25
C THR A 403 33.55 9.50 -26.10
N LEU A 404 32.63 9.13 -25.22
CA LEU A 404 31.41 9.91 -24.99
C LEU A 404 31.74 11.29 -24.47
N ALA A 405 32.66 11.33 -23.50
CA ALA A 405 33.15 12.56 -22.97
C ALA A 405 33.70 13.46 -24.09
N GLU A 406 34.49 12.87 -25.00
CA GLU A 406 35.18 13.63 -26.05
C GLU A 406 34.23 14.09 -27.14
N SER A 407 33.05 13.47 -27.20
CA SER A 407 32.05 13.70 -28.24
C SER A 407 31.08 14.85 -27.99
N SER A 408 30.90 15.25 -26.75
CA SER A 408 29.94 16.31 -26.45
C SER A 408 30.38 17.64 -27.07
N PRO A 409 29.48 18.30 -27.83
CA PRO A 409 29.94 19.58 -28.37
C PRO A 409 30.14 20.61 -27.25
N SER A 410 29.59 20.32 -26.07
CA SER A 410 29.69 21.27 -24.93
C SER A 410 31.06 21.30 -24.26
N ILE A 411 32.05 20.59 -24.78
CA ILE A 411 33.40 20.74 -24.26
C ILE A 411 34.00 22.09 -24.65
N VAL A 412 33.30 22.83 -25.52
CA VAL A 412 33.67 24.23 -25.81
C VAL A 412 33.50 25.16 -24.58
N THR A 413 32.67 24.75 -23.62
CA THR A 413 32.36 25.57 -22.41
C THR A 413 33.57 26.23 -21.72
N PRO A 414 34.72 25.53 -21.61
CA PRO A 414 35.75 26.29 -20.89
C PRO A 414 36.42 27.39 -21.73
N LEU A 415 35.98 27.54 -22.98
CA LEU A 415 36.50 28.68 -23.77
C LEU A 415 35.77 30.00 -23.51
N ASN A 416 34.68 29.96 -22.75
CA ASN A 416 33.85 31.14 -22.52
C ASN A 416 34.63 32.38 -22.10
N SER A 417 35.54 32.21 -21.14
CA SER A 417 36.29 33.34 -20.59
C SER A 417 37.23 33.93 -21.65
N ALA A 418 37.58 33.14 -22.67
CA ALA A 418 38.53 33.59 -23.67
C ALA A 418 37.86 34.22 -24.91
N ILE A 419 36.75 33.62 -25.35
CA ILE A 419 36.09 34.06 -26.59
C ILE A 419 34.65 34.55 -26.41
N GLY A 420 34.10 34.39 -25.21
CA GLY A 420 32.73 34.83 -24.97
C GLY A 420 31.69 33.78 -25.32
N TYR A 421 30.58 33.84 -24.61
CA TYR A 421 29.55 32.82 -24.70
C TYR A 421 28.97 32.71 -26.12
N GLU A 422 28.71 33.84 -26.77
CA GLU A 422 28.06 33.85 -28.08
C GLU A 422 28.91 33.19 -29.16
N GLU A 423 30.19 33.55 -29.23
CA GLU A 423 31.10 32.96 -30.20
C GLU A 423 31.30 31.45 -29.94
N ALA A 424 31.43 31.09 -28.66
CA ALA A 424 31.59 29.67 -28.29
C ALA A 424 30.39 28.86 -28.76
N ALA A 425 29.22 29.49 -28.75
CA ALA A 425 27.98 28.82 -29.23
C ALA A 425 28.04 28.58 -30.72
N ALA A 426 28.54 29.58 -31.44
CA ALA A 426 28.74 29.50 -32.89
C ALA A 426 29.75 28.39 -33.21
N VAL A 427 30.81 28.30 -32.41
CA VAL A 427 31.80 27.23 -32.54
C VAL A 427 31.16 25.86 -32.41
N ALA A 428 30.39 25.67 -31.34
CA ALA A 428 29.66 24.41 -31.14
C ALA A 428 28.64 24.10 -32.25
N LYS A 429 27.82 25.08 -32.63
CA LYS A 429 26.91 24.90 -33.77
C LYS A 429 27.66 24.46 -35.03
N GLU A 430 28.78 25.12 -35.34
CA GLU A 430 29.52 24.82 -36.59
C GLU A 430 30.18 23.42 -36.56
N ALA A 431 30.86 23.11 -35.47
CA ALA A 431 31.46 21.79 -35.26
C ALA A 431 30.45 20.69 -35.58
N LEU A 432 29.24 20.84 -35.06
CA LEU A 432 28.23 19.82 -35.14
C LEU A 432 27.57 19.77 -36.54
N LYS A 433 27.27 20.94 -37.11
CA LYS A 433 26.74 21.03 -38.47
C LYS A 433 27.71 20.44 -39.49
N GLU A 434 29.01 20.67 -39.27
CA GLU A 434 30.01 20.19 -40.22
C GLU A 434 30.78 18.96 -39.73
N ARG A 435 30.25 18.29 -38.71
CA ARG A 435 30.87 17.10 -38.13
C ARG A 435 32.39 17.29 -37.85
N LYS A 436 32.80 18.50 -37.47
CA LYS A 436 34.20 18.75 -37.11
C LYS A 436 34.37 18.71 -35.61
N THR A 437 35.61 18.54 -35.14
CA THR A 437 35.90 18.59 -33.73
C THR A 437 35.81 20.04 -33.24
N ILE A 438 35.61 20.22 -31.93
CA ILE A 438 35.55 21.55 -31.35
C ILE A 438 36.92 22.18 -31.61
N ARG A 439 37.99 21.42 -31.41
CA ARG A 439 39.33 21.94 -31.62
C ARG A 439 39.52 22.54 -33.02
N GLN A 440 39.23 21.77 -34.05
CA GLN A 440 39.45 22.23 -35.42
C GLN A 440 38.55 23.44 -35.76
N THR A 441 37.32 23.41 -35.24
CA THR A 441 36.36 24.51 -35.46
C THR A 441 36.85 25.84 -34.89
N VAL A 442 37.41 25.80 -33.68
CA VAL A 442 38.06 26.95 -33.07
C VAL A 442 39.13 27.51 -34.04
N ILE A 443 40.03 26.63 -34.51
CA ILE A 443 41.05 26.96 -35.52
C ILE A 443 40.43 27.62 -36.75
N ASP A 444 39.44 26.95 -37.33
CA ASP A 444 38.81 27.41 -38.57
C ASP A 444 38.19 28.79 -38.43
N ARG A 445 37.54 29.06 -37.30
CA ARG A 445 36.84 30.34 -37.09
C ARG A 445 37.80 31.51 -36.75
N GLY A 446 39.11 31.25 -36.85
CA GLY A 446 40.14 32.26 -36.69
C GLY A 446 40.33 32.76 -35.26
N LEU A 447 40.07 31.91 -34.27
CA LEU A 447 40.08 32.32 -32.87
C LEU A 447 41.42 32.17 -32.15
N ILE A 448 42.35 31.46 -32.77
CA ILE A 448 43.69 31.38 -32.25
C ILE A 448 44.34 32.74 -32.53
N GLY A 449 44.80 33.38 -31.46
CA GLY A 449 45.42 34.70 -31.48
C GLY A 449 45.77 35.11 -30.05
N ASP A 450 45.71 36.40 -29.78
CA ASP A 450 46.07 36.93 -28.43
C ASP A 450 45.12 36.47 -27.29
N LYS A 451 43.86 36.19 -27.63
CA LYS A 451 42.88 35.76 -26.64
C LYS A 451 42.97 34.27 -26.28
N LEU A 452 43.73 33.51 -27.07
CA LEU A 452 43.73 32.05 -27.00
C LEU A 452 44.80 31.43 -27.92
N SER A 453 45.84 30.86 -27.32
CA SER A 453 46.85 30.10 -28.06
C SER A 453 46.42 28.64 -28.26
N ILE A 454 47.02 27.97 -29.24
CA ILE A 454 46.82 26.53 -29.46
C ILE A 454 47.04 25.73 -28.16
N GLU A 455 48.05 26.13 -27.37
CA GLU A 455 48.42 25.43 -26.14
C GLU A 455 47.38 25.58 -25.06
N GLU A 456 46.79 26.77 -24.99
CA GLU A 456 45.69 27.01 -24.08
C GLU A 456 44.42 26.24 -24.51
N LEU A 457 44.19 26.17 -25.82
CA LEU A 457 43.03 25.46 -26.36
C LEU A 457 43.11 23.96 -26.04
N ASP A 458 44.30 23.39 -26.07
CA ASP A 458 44.46 21.97 -25.77
C ASP A 458 44.41 21.67 -24.28
N LYS A 459 44.97 22.55 -23.47
CA LYS A 459 44.90 22.40 -22.02
C LYS A 459 43.43 22.34 -21.60
N ARG A 460 42.63 23.22 -22.20
CA ARG A 460 41.23 23.48 -21.80
C ARG A 460 40.19 22.46 -22.29
N LEU A 461 40.45 21.83 -23.44
CA LEU A 461 39.56 20.81 -23.98
C LEU A 461 39.89 19.41 -23.43
N ASP A 462 40.93 19.30 -22.58
CA ASP A 462 41.26 18.00 -22.01
C ASP A 462 40.10 17.51 -21.13
N VAL A 463 39.40 16.48 -21.58
CA VAL A 463 38.17 16.08 -20.88
C VAL A 463 38.37 15.64 -19.43
N LEU A 464 39.43 14.90 -19.12
CA LEU A 464 39.63 14.51 -17.71
C LEU A 464 39.94 15.74 -16.87
N ALA A 465 40.77 16.64 -17.39
CA ALA A 465 41.01 17.90 -16.72
C ALA A 465 39.70 18.67 -16.52
N MET A 466 38.81 18.57 -17.51
CA MET A 466 37.56 19.33 -17.49
C MET A 466 36.56 18.84 -16.42
N ALA A 467 36.64 17.56 -16.07
CA ALA A 467 35.83 16.98 -14.98
C ALA A 467 36.32 17.40 -13.59
N LYS A 468 37.50 17.99 -13.53
CA LYS A 468 38.02 18.63 -12.31
C LYS A 468 37.90 17.75 -11.06
N VAL A 469 38.46 16.54 -11.14
CA VAL A 469 38.45 15.57 -10.05
C VAL A 469 39.05 16.22 -8.78
N LYS A 470 38.28 16.22 -7.70
CA LYS A 470 38.62 16.96 -6.48
C LYS A 470 39.61 16.21 -5.60
N ASP A 471 39.44 14.88 -5.55
CA ASP A 471 40.21 13.94 -4.69
C ASP A 471 41.22 13.10 -5.51
N GLN B 10 17.39 -31.26 0.53
CA GLN B 10 17.60 -32.13 -0.68
C GLN B 10 17.30 -31.41 -1.99
N TYR B 11 18.23 -31.47 -2.94
CA TYR B 11 18.14 -30.65 -4.16
C TYR B 11 18.37 -31.46 -5.44
N ARG B 12 17.73 -31.02 -6.53
CA ARG B 12 18.03 -31.53 -7.86
C ARG B 12 18.53 -30.38 -8.74
N ILE B 13 19.27 -30.72 -9.80
CA ILE B 13 19.72 -29.72 -10.78
C ILE B 13 18.75 -29.54 -11.98
N GLU B 14 18.42 -28.28 -12.25
CA GLU B 14 17.70 -27.85 -13.44
C GLU B 14 18.60 -26.82 -14.14
N HIS B 15 18.30 -26.47 -15.38
CA HIS B 15 19.12 -25.45 -16.06
C HIS B 15 18.27 -24.48 -16.85
N ASP B 16 18.82 -23.30 -17.06
CA ASP B 16 18.32 -22.40 -18.07
C ASP B 16 19.51 -21.94 -18.92
N THR B 17 19.26 -21.00 -19.83
CA THR B 17 20.28 -20.53 -20.75
C THR B 17 21.43 -19.80 -20.04
N MET B 18 21.24 -19.52 -18.76
CA MET B 18 22.31 -18.95 -17.98
C MET B 18 23.10 -20.04 -17.26
N GLY B 19 22.55 -21.25 -17.23
CA GLY B 19 23.26 -22.42 -16.65
C GLY B 19 22.44 -23.15 -15.62
N GLU B 20 23.13 -23.94 -14.78
CA GLU B 20 22.51 -24.91 -13.87
C GLU B 20 22.15 -24.36 -12.48
N VAL B 21 21.02 -24.80 -11.94
CA VAL B 21 20.52 -24.25 -10.69
C VAL B 21 20.00 -25.37 -9.78
N ARG B 22 20.39 -25.31 -8.52
CA ARG B 22 19.88 -26.21 -7.48
C ARG B 22 18.46 -25.78 -7.11
N VAL B 23 17.51 -26.68 -7.29
CA VAL B 23 16.09 -26.48 -7.01
C VAL B 23 15.69 -27.49 -5.91
N PRO B 24 14.90 -27.08 -4.88
CA PRO B 24 14.46 -28.10 -3.92
C PRO B 24 13.79 -29.29 -4.59
N ALA B 25 14.24 -30.48 -4.21
CA ALA B 25 13.84 -31.73 -4.88
C ALA B 25 12.32 -31.93 -5.11
N GLU B 26 11.50 -31.61 -4.11
CA GLU B 26 10.06 -31.83 -4.27
C GLU B 26 9.39 -30.76 -5.12
N ALA B 27 10.00 -29.55 -5.18
CA ALA B 27 9.44 -28.40 -5.94
C ALA B 27 9.13 -28.69 -7.42
N LEU B 28 8.03 -28.12 -7.88
CA LEU B 28 7.58 -28.27 -9.26
C LEU B 28 8.11 -27.15 -10.15
N TRP B 29 8.61 -26.07 -9.57
CA TRP B 29 9.22 -25.02 -10.38
C TRP B 29 10.66 -25.43 -10.74
N ARG B 30 11.33 -24.62 -11.57
CA ARG B 30 12.65 -25.02 -12.06
C ARG B 30 13.66 -23.90 -11.91
N ALA B 31 14.57 -23.82 -12.88
CA ALA B 31 15.75 -22.98 -12.79
C ALA B 31 15.39 -21.50 -12.67
N GLN B 32 14.50 -21.04 -13.55
CA GLN B 32 14.28 -19.60 -13.64
C GLN B 32 13.52 -19.12 -12.42
N THR B 33 12.57 -19.94 -11.98
CA THR B 33 11.88 -19.67 -10.73
C THR B 33 12.82 -19.68 -9.55
N GLN B 34 13.75 -20.62 -9.51
CA GLN B 34 14.66 -20.68 -8.35
C GLN B 34 15.51 -19.41 -8.25
N ARG B 35 16.04 -18.93 -9.37
CA ARG B 35 16.82 -17.67 -9.40
C ARG B 35 15.99 -16.49 -8.91
N ALA B 36 14.73 -16.41 -9.35
CA ALA B 36 13.82 -15.36 -8.87
C ALA B 36 13.61 -15.42 -7.34
N VAL B 37 13.51 -16.64 -6.82
CA VAL B 37 13.41 -16.82 -5.37
C VAL B 37 14.65 -16.27 -4.67
N GLU B 38 15.83 -16.55 -5.24
CA GLU B 38 17.09 -16.02 -4.72
C GLU B 38 17.30 -14.52 -4.98
N ASN B 39 16.76 -14.00 -6.08
CA ASN B 39 17.04 -12.62 -6.47
C ASN B 39 16.15 -11.61 -5.75
N PHE B 40 14.88 -11.97 -5.48
CA PHE B 40 13.96 -10.98 -4.92
C PHE B 40 13.35 -11.24 -3.54
N PRO B 41 14.15 -11.68 -2.54
CA PRO B 41 13.50 -11.83 -1.22
C PRO B 41 13.33 -10.49 -0.53
N ILE B 42 12.22 -9.83 -0.88
CA ILE B 42 12.02 -8.42 -0.56
C ILE B 42 10.84 -8.24 0.37
N SER B 43 9.68 -8.74 -0.06
CA SER B 43 8.44 -8.56 0.72
C SER B 43 8.00 -9.87 1.39
N GLY B 44 8.50 -11.01 0.91
CA GLY B 44 7.99 -12.31 1.37
C GLY B 44 6.57 -12.63 0.94
N ARG B 45 5.99 -11.84 0.05
CA ARG B 45 4.64 -12.14 -0.48
C ARG B 45 4.73 -12.39 -1.98
N GLY B 46 4.03 -13.42 -2.44
CA GLY B 46 3.98 -13.75 -3.86
C GLY B 46 2.64 -13.39 -4.49
N LEU B 47 2.39 -13.92 -5.68
CA LEU B 47 1.13 -13.67 -6.35
C LEU B 47 -0.01 -14.18 -5.48
N GLU B 48 -1.14 -13.49 -5.54
CA GLU B 48 -2.35 -13.90 -4.86
C GLU B 48 -3.01 -15.07 -5.59
N ARG B 49 -3.81 -15.86 -4.86
CA ARG B 49 -4.72 -16.85 -5.43
C ARG B 49 -5.36 -16.41 -6.76
N THR B 50 -5.98 -15.24 -6.78
CA THR B 50 -6.63 -14.70 -7.99
C THR B 50 -5.65 -14.49 -9.14
N GLN B 51 -4.38 -14.22 -8.83
CA GLN B 51 -3.44 -13.96 -9.89
C GLN B 51 -2.96 -15.26 -10.47
N ILE B 52 -2.75 -16.25 -9.59
CA ILE B 52 -2.30 -17.57 -10.00
C ILE B 52 -3.37 -18.21 -10.88
N ARG B 53 -4.62 -18.18 -10.41
CA ARG B 53 -5.78 -18.59 -11.19
C ARG B 53 -5.80 -17.96 -12.58
N ALA B 54 -5.60 -16.65 -12.64
CA ALA B 54 -5.65 -15.91 -13.92
C ALA B 54 -4.54 -16.38 -14.87
N LEU B 55 -3.34 -16.53 -14.33
CA LEU B 55 -2.23 -17.08 -15.09
C LEU B 55 -2.50 -18.48 -15.66
N GLY B 56 -3.03 -19.36 -14.81
CA GLY B 56 -3.39 -20.71 -15.23
C GLY B 56 -4.38 -20.74 -16.37
N LEU B 57 -5.50 -20.02 -16.22
CA LEU B 57 -6.51 -19.90 -17.28
C LEU B 57 -5.93 -19.43 -18.61
N LEU B 58 -5.10 -18.40 -18.57
CA LEU B 58 -4.45 -17.87 -19.76
C LEU B 58 -3.53 -18.91 -20.41
N LYS B 59 -2.71 -19.59 -19.60
CA LYS B 59 -1.79 -20.56 -20.16
C LYS B 59 -2.56 -21.70 -20.83
N GLY B 60 -3.68 -22.11 -20.24
CA GLY B 60 -4.56 -23.11 -20.88
C GLY B 60 -5.18 -22.56 -22.15
N ALA B 61 -5.59 -21.28 -22.10
CA ALA B 61 -6.19 -20.63 -23.27
C ALA B 61 -5.17 -20.56 -24.41
N CYS B 62 -3.95 -20.19 -24.10
CA CYS B 62 -2.90 -20.12 -25.13
C CYS B 62 -2.62 -21.48 -25.77
N ALA B 63 -2.60 -22.53 -24.95
CA ALA B 63 -2.33 -23.85 -25.48
C ALA B 63 -3.52 -24.33 -26.32
N GLN B 64 -4.72 -23.93 -25.93
CA GLN B 64 -5.88 -24.26 -26.73
C GLN B 64 -5.77 -23.66 -28.13
N VAL B 65 -5.33 -22.40 -28.21
CA VAL B 65 -5.28 -21.71 -29.51
C VAL B 65 -4.15 -22.25 -30.39
N ASN B 66 -2.99 -22.48 -29.78
CA ASN B 66 -1.90 -23.12 -30.48
C ASN B 66 -2.31 -24.49 -30.99
N LYS B 67 -3.10 -25.20 -30.20
CA LYS B 67 -3.63 -26.49 -30.63
C LYS B 67 -4.58 -26.31 -31.81
N ASP B 68 -5.54 -25.41 -31.70
CA ASP B 68 -6.54 -25.20 -32.76
C ASP B 68 -5.85 -24.85 -34.08
N LEU B 69 -4.78 -24.07 -33.99
CA LEU B 69 -4.13 -23.59 -35.19
C LEU B 69 -3.07 -24.55 -35.74
N GLY B 70 -2.94 -25.73 -35.13
CA GLY B 70 -1.96 -26.73 -35.59
C GLY B 70 -0.50 -26.40 -35.31
N LEU B 71 -0.24 -25.54 -34.32
CA LEU B 71 1.13 -25.11 -33.98
C LEU B 71 1.72 -25.92 -32.85
N LEU B 72 0.84 -26.47 -32.03
CA LEU B 72 1.25 -27.26 -30.90
C LEU B 72 0.53 -28.61 -30.95
N ALA B 73 1.31 -29.69 -31.03
CA ALA B 73 0.77 -31.06 -31.15
C ALA B 73 -0.26 -31.34 -30.05
N ALA B 74 -1.31 -32.10 -30.40
CA ALA B 74 -2.38 -32.43 -29.46
C ALA B 74 -1.89 -33.01 -28.11
N GLU B 75 -0.99 -33.99 -28.13
CA GLU B 75 -0.52 -34.56 -26.85
C GLU B 75 0.02 -33.44 -25.93
N LYS B 76 0.93 -32.62 -26.46
CA LYS B 76 1.51 -31.48 -25.73
C LYS B 76 0.48 -30.45 -25.29
N ALA B 77 -0.42 -30.04 -26.20
CA ALA B 77 -1.45 -29.07 -25.83
C ALA B 77 -2.35 -29.61 -24.72
N ASP B 78 -2.82 -30.85 -24.88
CA ASP B 78 -3.69 -31.44 -23.86
C ASP B 78 -3.03 -31.53 -22.48
N ALA B 79 -1.78 -31.95 -22.44
CA ALA B 79 -1.03 -31.97 -21.19
C ALA B 79 -0.94 -30.59 -20.54
N ILE B 80 -0.71 -29.56 -21.34
CA ILE B 80 -0.60 -28.21 -20.82
C ILE B 80 -1.97 -27.72 -20.32
N ILE B 81 -3.02 -27.96 -21.11
CA ILE B 81 -4.36 -27.55 -20.73
C ILE B 81 -4.76 -28.14 -19.38
N ALA B 82 -4.59 -29.45 -19.24
CA ALA B 82 -4.89 -30.13 -18.00
C ALA B 82 -4.12 -29.56 -16.82
N ALA B 83 -2.84 -29.27 -17.03
CA ALA B 83 -1.94 -28.79 -15.98
C ALA B 83 -2.32 -27.38 -15.58
N ALA B 84 -2.64 -26.56 -16.57
CA ALA B 84 -3.01 -25.16 -16.33
C ALA B 84 -4.34 -25.06 -15.55
N GLN B 85 -5.24 -26.00 -15.80
CA GLN B 85 -6.50 -26.09 -15.11
C GLN B 85 -6.25 -26.42 -13.64
N GLU B 86 -5.35 -27.33 -13.38
CA GLU B 86 -4.95 -27.62 -12.00
C GLU B 86 -4.45 -26.35 -11.29
N ILE B 87 -3.53 -25.63 -11.93
CA ILE B 87 -3.05 -24.34 -11.42
C ILE B 87 -4.21 -23.38 -11.18
N ALA B 88 -5.09 -23.25 -12.18
CA ALA B 88 -6.25 -22.37 -12.07
C ALA B 88 -7.11 -22.67 -10.84
N ASP B 89 -7.35 -23.95 -10.59
CA ASP B 89 -8.20 -24.40 -9.49
C ASP B 89 -7.48 -24.35 -8.14
N GLY B 90 -6.23 -23.94 -8.15
CA GLY B 90 -5.54 -23.68 -6.89
C GLY B 90 -4.96 -24.90 -6.23
N LYS B 91 -4.58 -25.90 -7.02
CA LYS B 91 -3.95 -27.12 -6.51
C LYS B 91 -2.43 -26.97 -6.33
N HIS B 92 -1.88 -25.85 -6.81
CA HIS B 92 -0.42 -25.63 -6.83
C HIS B 92 0.02 -24.22 -6.42
N ASP B 93 -0.75 -23.54 -5.58
CA ASP B 93 -0.33 -22.18 -5.15
C ASP B 93 1.02 -22.17 -4.43
N ASP B 94 1.32 -23.26 -3.71
CA ASP B 94 2.61 -23.42 -3.07
CA ASP B 94 2.62 -23.43 -3.06
C ASP B 94 3.75 -23.56 -4.10
N GLN B 95 3.39 -23.78 -5.36
CA GLN B 95 4.42 -23.83 -6.38
C GLN B 95 4.69 -22.45 -7.05
N PHE B 96 4.16 -21.37 -6.46
CA PHE B 96 4.45 -20.02 -6.97
C PHE B 96 5.12 -19.10 -5.91
N PRO B 97 6.42 -19.32 -5.62
CA PRO B 97 7.11 -18.69 -4.47
C PRO B 97 7.79 -17.34 -4.74
N ILE B 98 7.77 -16.89 -5.98
CA ILE B 98 8.38 -15.60 -6.36
C ILE B 98 7.68 -14.39 -5.73
N ASP B 99 8.51 -13.45 -5.26
CA ASP B 99 8.07 -12.21 -4.67
C ASP B 99 7.30 -11.33 -5.67
N VAL B 100 6.41 -10.50 -5.14
CA VAL B 100 5.74 -9.47 -5.92
C VAL B 100 6.82 -8.58 -6.53
N PHE B 101 7.80 -8.18 -5.72
CA PHE B 101 8.83 -7.27 -6.20
C PHE B 101 9.93 -7.92 -7.03
N GLN B 102 9.48 -8.52 -8.12
CA GLN B 102 10.30 -9.21 -9.11
C GLN B 102 10.49 -8.28 -10.32
N THR B 103 11.21 -8.76 -11.33
CA THR B 103 11.41 -8.00 -12.54
C THR B 103 10.05 -7.46 -12.97
N GLY B 104 9.98 -6.15 -13.29
CA GLY B 104 8.72 -5.47 -13.53
C GLY B 104 7.83 -5.89 -14.70
N SER B 105 8.30 -6.84 -15.49
CA SER B 105 7.53 -7.37 -16.59
C SER B 105 6.76 -8.58 -16.10
N GLY B 106 7.13 -9.06 -14.91
CA GLY B 106 6.68 -10.38 -14.46
C GLY B 106 7.23 -11.54 -15.27
N THR B 107 8.43 -11.41 -15.79
CA THR B 107 9.06 -12.53 -16.49
C THR B 107 9.17 -13.72 -15.57
N SER B 108 9.55 -13.45 -14.33
CA SER B 108 9.81 -14.51 -13.40
C SER B 108 8.54 -15.31 -13.15
N SER B 109 7.43 -14.64 -12.85
CA SER B 109 6.17 -15.36 -12.61
C SER B 109 5.64 -16.06 -13.88
N ASN B 110 5.86 -15.47 -15.05
CA ASN B 110 5.52 -16.17 -16.30
C ASN B 110 6.31 -17.49 -16.45
N MET B 111 7.60 -17.43 -16.20
CA MET B 111 8.44 -18.66 -16.26
C MET B 111 8.08 -19.66 -15.17
N ASN B 112 7.66 -19.14 -14.01
CA ASN B 112 7.13 -19.92 -12.90
C ASN B 112 5.94 -20.72 -13.34
N ALA B 113 5.02 -20.09 -14.06
CA ALA B 113 3.88 -20.85 -14.61
C ALA B 113 4.36 -21.86 -15.65
N ASN B 114 5.25 -21.43 -16.55
CA ASN B 114 5.80 -22.32 -17.58
C ASN B 114 6.47 -23.56 -17.01
N GLU B 115 7.30 -23.37 -15.97
CA GLU B 115 8.10 -24.45 -15.34
C GLU B 115 7.22 -25.46 -14.60
N VAL B 116 6.30 -24.96 -13.79
CA VAL B 116 5.36 -25.77 -13.02
C VAL B 116 4.43 -26.59 -13.93
N ILE B 117 3.95 -25.98 -15.02
CA ILE B 117 3.21 -26.74 -16.05
C ILE B 117 4.06 -27.91 -16.61
N ALA B 118 5.32 -27.64 -16.96
CA ALA B 118 6.18 -28.68 -17.50
C ALA B 118 6.32 -29.84 -16.52
N SER B 119 6.50 -29.51 -15.24
CA SER B 119 6.65 -30.52 -14.19
C SER B 119 5.38 -31.34 -13.95
N ILE B 120 4.24 -30.66 -13.95
CA ILE B 120 2.98 -31.36 -13.85
C ILE B 120 2.83 -32.31 -15.04
N ALA B 121 3.00 -31.79 -16.26
CA ALA B 121 2.91 -32.62 -17.47
C ALA B 121 3.85 -33.83 -17.44
N ALA B 122 5.07 -33.63 -16.94
CA ALA B 122 6.05 -34.70 -16.87
C ALA B 122 5.55 -35.90 -16.04
N GLN B 123 4.70 -35.65 -15.04
CA GLN B 123 4.20 -36.75 -14.18
C GLN B 123 2.72 -37.14 -14.39
N ALA B 124 2.05 -36.49 -15.34
CA ALA B 124 0.67 -36.83 -15.73
C ALA B 124 0.59 -38.22 -16.39
N THR B 125 -0.64 -38.63 -16.69
CA THR B 125 -0.90 -39.82 -17.48
C THR B 125 -1.67 -39.45 -18.77
N PRO B 126 -1.10 -39.80 -19.96
CA PRO B 126 0.26 -40.34 -20.01
C PRO B 126 1.27 -39.22 -19.73
N PRO B 127 2.52 -39.57 -19.34
CA PRO B 127 3.51 -38.50 -19.17
C PRO B 127 3.85 -37.81 -20.50
N VAL B 128 4.05 -36.49 -20.45
CA VAL B 128 4.33 -35.70 -21.64
C VAL B 128 5.38 -34.63 -21.34
N VAL B 129 6.46 -34.63 -22.11
CA VAL B 129 7.52 -33.65 -21.95
C VAL B 129 7.20 -32.42 -22.80
N VAL B 130 7.00 -31.30 -22.12
CA VAL B 130 6.80 -30.03 -22.80
C VAL B 130 7.90 -29.05 -22.39
N HIS B 131 8.40 -28.25 -23.33
CA HIS B 131 9.45 -27.31 -22.97
C HIS B 131 8.83 -25.99 -22.45
N PRO B 132 9.33 -25.47 -21.32
CA PRO B 132 8.70 -24.26 -20.74
C PRO B 132 8.69 -23.05 -21.70
N ASN B 133 9.78 -22.85 -22.43
CA ASN B 133 9.84 -21.81 -23.45
C ASN B 133 9.12 -22.25 -24.73
N ASP B 134 9.66 -23.27 -25.41
CA ASP B 134 9.19 -23.62 -26.74
C ASP B 134 7.72 -24.06 -26.78
N ASP B 135 7.23 -24.75 -25.75
CA ASP B 135 5.88 -25.30 -25.79
C ASP B 135 4.88 -24.52 -24.94
N VAL B 136 5.17 -24.39 -23.65
CA VAL B 136 4.21 -23.79 -22.72
C VAL B 136 4.17 -22.29 -22.93
N ASN B 137 5.28 -21.71 -23.40
CA ASN B 137 5.31 -20.28 -23.70
C ASN B 137 5.11 -19.98 -25.19
N MET B 138 4.58 -20.95 -25.94
CA MET B 138 4.55 -20.81 -27.41
C MET B 138 3.66 -19.64 -27.81
N SER B 139 4.18 -18.81 -28.74
CA SER B 139 3.47 -17.62 -29.24
C SER B 139 3.26 -16.52 -28.21
N GLN B 140 3.95 -16.62 -27.08
CA GLN B 140 3.76 -15.71 -25.96
C GLN B 140 5.01 -14.95 -25.57
N SER B 141 4.81 -13.80 -24.93
CA SER B 141 5.83 -13.14 -24.16
C SER B 141 5.33 -12.99 -22.72
N SER B 142 6.22 -12.65 -21.78
CA SER B 142 5.75 -12.19 -20.49
C SER B 142 5.06 -10.84 -20.66
N ASN B 143 5.53 -10.05 -21.65
CA ASN B 143 5.08 -8.69 -21.90
C ASN B 143 3.62 -8.54 -22.35
N ASP B 144 3.05 -9.58 -22.97
CA ASP B 144 1.62 -9.65 -23.20
C ASP B 144 0.85 -10.53 -22.19
N THR B 145 1.39 -11.68 -21.81
CA THR B 145 0.64 -12.59 -20.93
C THR B 145 0.47 -12.11 -19.48
N PHE B 146 1.54 -11.54 -18.90
CA PHE B 146 1.46 -11.17 -17.49
C PHE B 146 0.51 -9.97 -17.27
N PRO B 147 0.61 -8.92 -18.14
CA PRO B 147 -0.46 -7.92 -18.03
C PRO B 147 -1.82 -8.44 -18.46
N THR B 148 -1.89 -9.38 -19.39
CA THR B 148 -3.19 -9.98 -19.70
C THR B 148 -3.77 -10.67 -18.45
N ALA B 149 -2.97 -11.48 -17.78
CA ALA B 149 -3.45 -12.14 -16.55
C ALA B 149 -3.86 -11.08 -15.50
N THR B 150 -3.08 -10.02 -15.39
CA THR B 150 -3.39 -8.94 -14.47
C THR B 150 -4.73 -8.31 -14.76
N HIS B 151 -4.91 -7.89 -16.00
CA HIS B 151 -6.18 -7.28 -16.43
C HIS B 151 -7.36 -8.25 -16.37
N LEU B 152 -7.09 -9.53 -16.57
CA LEU B 152 -8.09 -10.56 -16.38
C LEU B 152 -8.50 -10.66 -14.91
N ALA B 153 -7.51 -10.78 -14.00
CA ALA B 153 -7.78 -10.75 -12.55
C ALA B 153 -8.54 -9.49 -12.11
N ALA B 154 -8.18 -8.36 -12.71
CA ALA B 154 -8.73 -7.08 -12.29
C ALA B 154 -10.19 -6.97 -12.74
N THR B 155 -10.45 -7.46 -13.94
CA THR B 155 -11.79 -7.42 -14.49
C THR B 155 -12.68 -8.39 -13.74
N GLU B 156 -12.11 -9.55 -13.37
CA GLU B 156 -12.84 -10.53 -12.58
C GLU B 156 -13.19 -9.92 -11.21
N ALA B 157 -12.26 -9.21 -10.60
CA ALA B 157 -12.50 -8.63 -9.28
C ALA B 157 -13.53 -7.53 -9.37
N ALA B 158 -13.41 -6.68 -10.38
CA ALA B 158 -14.37 -5.60 -10.58
C ALA B 158 -15.79 -6.15 -10.73
N VAL B 159 -15.95 -7.12 -11.62
CA VAL B 159 -17.28 -7.57 -12.06
C VAL B 159 -17.93 -8.56 -11.11
N ARG B 160 -17.15 -9.47 -10.54
CA ARG B 160 -17.70 -10.58 -9.72
C ARG B 160 -17.55 -10.35 -8.22
N ASP B 161 -16.73 -9.39 -7.84
CA ASP B 161 -16.47 -9.20 -6.43
C ASP B 161 -16.97 -7.83 -5.96
N LEU B 162 -16.37 -6.75 -6.47
CA LEU B 162 -16.70 -5.41 -6.01
C LEU B 162 -18.08 -4.98 -6.45
N ILE B 163 -18.37 -5.08 -7.74
CA ILE B 163 -19.71 -4.63 -8.14
C ILE B 163 -20.83 -5.31 -7.31
N PRO B 164 -20.83 -6.65 -7.21
CA PRO B 164 -21.88 -7.28 -6.36
C PRO B 164 -21.88 -6.82 -4.92
N ALA B 165 -20.70 -6.62 -4.33
CA ALA B 165 -20.63 -6.15 -2.94
C ALA B 165 -21.24 -4.74 -2.82
N LEU B 166 -20.94 -3.91 -3.82
CA LEU B 166 -21.41 -2.55 -3.91
C LEU B 166 -22.90 -2.52 -4.13
N GLU B 167 -23.39 -3.44 -4.92
CA GLU B 167 -24.82 -3.53 -5.14
C GLU B 167 -25.53 -3.90 -3.82
N TYR B 168 -24.89 -4.75 -3.04
CA TYR B 168 -25.40 -5.18 -1.75
C TYR B 168 -25.44 -4.03 -0.75
N LEU B 169 -24.36 -3.26 -0.66
CA LEU B 169 -24.31 -2.07 0.18
C LEU B 169 -25.35 -1.01 -0.24
N GLN B 170 -25.52 -0.84 -1.56
CA GLN B 170 -26.47 0.14 -2.08
C GLN B 170 -27.91 -0.25 -1.72
N GLN B 171 -28.21 -1.54 -1.82
CA GLN B 171 -29.51 -2.02 -1.43
C GLN B 171 -29.74 -1.79 0.08
N ALA B 172 -28.73 -2.06 0.90
CA ALA B 172 -28.89 -1.84 2.35
C ALA B 172 -29.12 -0.34 2.68
N LEU B 173 -28.49 0.53 1.92
CA LEU B 173 -28.65 1.94 2.15
C LEU B 173 -30.02 2.41 1.64
N ALA B 174 -30.37 1.99 0.43
CA ALA B 174 -31.70 2.25 -0.12
C ALA B 174 -32.81 1.78 0.86
N THR B 175 -32.60 0.63 1.49
CA THR B 175 -33.55 0.09 2.44
C THR B 175 -33.73 1.08 3.58
N LYS B 176 -32.62 1.61 4.12
CA LYS B 176 -32.69 2.61 5.16
C LYS B 176 -33.28 3.94 4.67
N ALA B 177 -32.91 4.35 3.45
CA ALA B 177 -33.55 5.54 2.83
C ALA B 177 -35.06 5.46 2.88
N LYS B 178 -35.62 4.29 2.57
CA LYS B 178 -37.07 4.08 2.61
C LYS B 178 -37.63 3.95 4.04
N ALA B 179 -36.97 3.12 4.84
CA ALA B 179 -37.48 2.80 6.15
C ALA B 179 -37.55 4.08 7.01
N TRP B 180 -36.66 5.02 6.73
CA TRP B 180 -36.52 6.22 7.54
C TRP B 180 -36.96 7.51 6.83
N LYS B 181 -37.83 7.39 5.83
CA LYS B 181 -38.20 8.52 5.01
C LYS B 181 -38.97 9.62 5.76
N THR B 182 -39.64 9.28 6.85
CA THR B 182 -40.29 10.34 7.62
C THR B 182 -39.62 10.58 8.99
N VAL B 183 -38.39 10.09 9.15
CA VAL B 183 -37.68 10.26 10.43
C VAL B 183 -36.96 11.59 10.38
N VAL B 184 -37.64 12.63 10.84
CA VAL B 184 -37.13 13.99 10.78
C VAL B 184 -36.05 14.21 11.85
N LYS B 185 -35.09 15.08 11.53
CA LYS B 185 -33.93 15.36 12.38
C LYS B 185 -33.35 16.68 11.91
N SER B 186 -32.38 17.23 12.63
CA SER B 186 -31.76 18.45 12.15
C SER B 186 -30.63 18.18 11.16
N GLY B 187 -30.67 18.89 10.04
CA GLY B 187 -29.57 18.90 9.08
C GLY B 187 -28.39 19.57 9.76
N ARG B 188 -27.18 19.27 9.30
CA ARG B 188 -26.00 19.94 9.79
C ARG B 188 -25.16 20.32 8.60
N THR B 189 -24.79 21.59 8.51
CA THR B 189 -23.83 22.00 7.51
C THR B 189 -22.75 22.77 8.25
N HIS B 190 -21.48 22.53 7.89
CA HIS B 190 -20.33 23.11 8.60
C HIS B 190 -20.25 22.58 10.02
N LEU B 191 -21.01 21.50 10.29
CA LEU B 191 -21.13 20.91 11.63
C LEU B 191 -22.12 21.65 12.52
N MET B 192 -22.76 22.68 11.96
CA MET B 192 -23.67 23.54 12.70
C MET B 192 -25.12 23.26 12.32
N ASP B 193 -26.04 23.52 13.27
CA ASP B 193 -27.50 23.35 13.14
C ASP B 193 -28.05 23.98 11.86
N ALA B 194 -28.61 23.16 10.98
CA ALA B 194 -29.11 23.68 9.72
C ALA B 194 -30.61 23.60 9.73
N VAL B 195 -31.23 23.37 8.58
CA VAL B 195 -32.68 23.17 8.56
C VAL B 195 -32.96 21.68 8.68
N PRO B 196 -34.25 21.28 8.80
CA PRO B 196 -34.64 19.85 8.86
C PRO B 196 -34.35 19.00 7.61
N VAL B 197 -33.95 17.76 7.87
CA VAL B 197 -33.88 16.71 6.87
C VAL B 197 -34.46 15.45 7.52
N THR B 198 -34.57 14.36 6.76
CA THR B 198 -34.92 13.10 7.35
C THR B 198 -33.71 12.21 7.25
N LEU B 199 -33.67 11.22 8.14
CA LEU B 199 -32.56 10.30 8.16
C LEU B 199 -32.54 9.55 6.83
N GLY B 200 -33.73 9.22 6.33
CA GLY B 200 -33.85 8.57 5.05
C GLY B 200 -33.20 9.37 3.93
N GLN B 201 -33.40 10.70 3.91
CA GLN B 201 -32.83 11.53 2.83
C GLN B 201 -31.34 11.36 2.77
N GLU B 202 -30.70 11.50 3.94
CA GLU B 202 -29.28 11.22 4.17
C GLU B 202 -28.86 9.85 3.63
N PHE B 203 -29.64 8.82 3.93
CA PHE B 203 -29.29 7.48 3.50
C PHE B 203 -29.52 7.26 1.99
N GLY B 204 -30.52 7.96 1.45
CA GLY B 204 -30.67 8.05 0.00
C GLY B 204 -29.44 8.68 -0.61
N GLY B 205 -28.86 9.67 0.10
CA GLY B 205 -27.62 10.31 -0.33
C GLY B 205 -26.51 9.28 -0.42
N TYR B 206 -26.29 8.55 0.68
CA TYR B 206 -25.27 7.49 0.75
C TYR B 206 -25.49 6.40 -0.31
N ALA B 207 -26.75 6.01 -0.52
CA ALA B 207 -27.04 4.98 -1.52
C ALA B 207 -26.65 5.44 -2.93
N ARG B 208 -26.92 6.70 -3.26
CA ARG B 208 -26.51 7.25 -4.56
C ARG B 208 -24.98 7.24 -4.71
N GLN B 209 -24.28 7.55 -3.62
CA GLN B 209 -22.82 7.54 -3.66
C GLN B 209 -22.33 6.17 -4.08
N ILE B 210 -22.90 5.13 -3.48
CA ILE B 210 -22.50 3.77 -3.82
C ILE B 210 -23.00 3.43 -5.24
N GLU B 211 -24.21 3.88 -5.61
CA GLU B 211 -24.70 3.63 -6.97
C GLU B 211 -23.76 4.31 -7.98
N ALA B 212 -23.30 5.52 -7.63
CA ALA B 212 -22.35 6.24 -8.48
C ALA B 212 -20.98 5.54 -8.51
N GLY B 213 -20.58 4.99 -7.37
CA GLY B 213 -19.40 4.11 -7.31
C GLY B 213 -19.46 2.98 -8.33
N ILE B 214 -20.61 2.32 -8.42
CA ILE B 214 -20.79 1.20 -9.35
C ILE B 214 -20.67 1.71 -10.79
N GLU B 215 -21.33 2.82 -11.07
CA GLU B 215 -21.20 3.45 -12.38
C GLU B 215 -19.71 3.76 -12.69
N ARG B 216 -18.99 4.23 -11.68
CA ARG B 216 -17.58 4.58 -11.83
C ARG B 216 -16.72 3.35 -12.13
N VAL B 217 -17.01 2.23 -11.47
CA VAL B 217 -16.26 1.00 -11.80
C VAL B 217 -16.61 0.51 -13.22
N LYS B 218 -17.90 0.46 -13.52
CA LYS B 218 -18.35 0.05 -14.83
C LYS B 218 -17.73 0.90 -15.94
N ALA B 219 -17.61 2.21 -15.71
CA ALA B 219 -17.08 3.07 -16.77
C ALA B 219 -15.62 2.76 -17.11
N THR B 220 -14.91 2.05 -16.22
CA THR B 220 -13.49 1.72 -16.45
C THR B 220 -13.31 0.40 -17.26
N LEU B 221 -14.33 -0.45 -17.22
CA LEU B 221 -14.25 -1.78 -17.87
C LEU B 221 -13.86 -1.77 -19.35
N PRO B 222 -14.37 -0.79 -20.13
CA PRO B 222 -13.97 -0.74 -21.54
C PRO B 222 -12.46 -0.77 -21.74
N ARG B 223 -11.69 -0.20 -20.79
CA ARG B 223 -10.26 -0.10 -20.95
C ARG B 223 -9.56 -1.03 -19.98
N LEU B 224 -10.18 -1.24 -18.82
CA LEU B 224 -9.67 -2.21 -17.85
C LEU B 224 -9.66 -3.63 -18.41
N GLY B 225 -10.68 -3.94 -19.21
CA GLY B 225 -10.82 -5.29 -19.78
C GLY B 225 -10.02 -5.51 -21.06
N GLU B 226 -9.25 -4.52 -21.49
CA GLU B 226 -8.41 -4.69 -22.67
C GLU B 226 -7.21 -5.53 -22.27
N LEU B 227 -6.91 -6.55 -23.07
CA LEU B 227 -5.79 -7.47 -22.81
C LEU B 227 -4.80 -7.40 -23.97
N PRO B 228 -3.51 -7.23 -23.67
CA PRO B 228 -2.51 -7.11 -24.73
C PRO B 228 -2.17 -8.44 -25.42
N ILE B 229 -2.76 -9.54 -24.98
CA ILE B 229 -2.42 -10.88 -25.47
C ILE B 229 -2.36 -10.95 -27.00
N GLY B 230 -1.24 -11.42 -27.52
CA GLY B 230 -1.01 -11.49 -28.97
C GLY B 230 0.06 -10.50 -29.44
N GLY B 231 0.38 -9.52 -28.61
CA GLY B 231 1.33 -8.50 -28.97
C GLY B 231 2.75 -8.97 -28.73
N THR B 232 2.88 -10.09 -28.01
CA THR B 232 4.18 -10.71 -27.66
C THR B 232 5.19 -9.70 -27.10
N ALA B 233 6.41 -9.68 -27.67
CA ALA B 233 7.54 -8.99 -27.06
C ALA B 233 7.41 -7.47 -26.99
N VAL B 234 6.90 -6.87 -28.06
CA VAL B 234 6.90 -5.41 -28.12
C VAL B 234 5.59 -4.80 -28.55
N GLY B 235 4.67 -5.65 -28.99
CA GLY B 235 3.38 -5.20 -29.50
C GLY B 235 3.13 -5.58 -30.96
N THR B 236 4.17 -6.02 -31.66
CA THR B 236 4.09 -6.32 -33.08
C THR B 236 3.53 -7.71 -33.36
N GLY B 237 3.34 -8.53 -32.33
CA GLY B 237 2.89 -9.91 -32.55
C GLY B 237 3.91 -10.90 -33.12
N LEU B 238 5.18 -10.50 -33.17
CA LEU B 238 6.22 -11.39 -33.68
C LEU B 238 6.16 -12.72 -32.92
N ASN B 239 6.33 -13.83 -33.66
CA ASN B 239 6.29 -15.21 -33.12
C ASN B 239 4.91 -15.77 -32.73
N ALA B 240 3.88 -14.95 -32.87
CA ALA B 240 2.53 -15.38 -32.70
C ALA B 240 1.86 -15.33 -34.06
N PRO B 241 0.87 -16.20 -34.29
CA PRO B 241 0.23 -16.19 -35.60
C PRO B 241 -0.84 -15.12 -35.68
N ASP B 242 -1.14 -14.72 -36.89
CA ASP B 242 -2.31 -13.90 -37.21
C ASP B 242 -3.50 -14.32 -36.32
N GLY B 243 -3.97 -13.36 -35.51
CA GLY B 243 -5.20 -13.52 -34.75
C GLY B 243 -5.09 -14.28 -33.44
N PHE B 244 -3.86 -14.51 -32.97
CA PHE B 244 -3.64 -15.21 -31.70
C PHE B 244 -4.40 -14.57 -30.57
N GLY B 245 -4.33 -13.25 -30.49
CA GLY B 245 -5.01 -12.48 -29.45
C GLY B 245 -6.51 -12.61 -29.50
N ALA B 246 -7.09 -12.29 -30.64
CA ALA B 246 -8.54 -12.43 -30.78
C ALA B 246 -8.96 -13.81 -30.32
N LYS B 247 -8.25 -14.84 -30.77
CA LYS B 247 -8.61 -16.21 -30.43
C LYS B 247 -8.41 -16.56 -28.94
N VAL B 248 -7.35 -16.06 -28.29
CA VAL B 248 -7.16 -16.36 -26.86
C VAL B 248 -8.28 -15.70 -26.06
N VAL B 249 -8.56 -14.43 -26.39
CA VAL B 249 -9.62 -13.68 -25.75
C VAL B 249 -10.97 -14.35 -25.98
N GLU B 250 -11.19 -14.94 -27.14
CA GLU B 250 -12.43 -15.67 -27.41
C GLU B 250 -12.56 -16.82 -26.40
N VAL B 251 -11.49 -17.58 -26.23
CA VAL B 251 -11.52 -18.69 -25.28
C VAL B 251 -11.75 -18.19 -23.82
N LEU B 252 -11.03 -17.15 -23.41
CA LEU B 252 -11.19 -16.60 -22.06
C LEU B 252 -12.63 -16.13 -21.75
N LYS B 253 -13.31 -15.55 -22.75
CA LYS B 253 -14.69 -15.11 -22.55
C LYS B 253 -15.61 -16.29 -22.39
N GLN B 254 -15.38 -17.33 -23.18
CA GLN B 254 -16.17 -18.54 -23.07
C GLN B 254 -15.98 -19.23 -21.71
N SER B 255 -14.73 -19.34 -21.25
CA SER B 255 -14.48 -20.04 -19.99
C SER B 255 -14.83 -19.19 -18.75
N THR B 256 -14.46 -17.92 -18.72
CA THR B 256 -14.71 -17.06 -17.55
C THR B 256 -16.11 -16.43 -17.52
N GLY B 257 -16.71 -16.22 -18.69
CA GLY B 257 -18.02 -15.58 -18.78
C GLY B 257 -17.96 -14.09 -18.52
N LEU B 258 -16.77 -13.51 -18.62
CA LEU B 258 -16.60 -12.06 -18.47
C LEU B 258 -16.79 -11.44 -19.84
N SER B 259 -17.86 -10.67 -19.97
CA SER B 259 -18.28 -10.11 -21.28
C SER B 259 -17.45 -8.89 -21.69
N GLU B 260 -16.67 -8.38 -20.74
CA GLU B 260 -15.94 -7.12 -20.85
C GLU B 260 -14.53 -7.25 -21.41
N LEU B 261 -13.99 -8.46 -21.43
CA LEU B 261 -12.68 -8.75 -22.00
C LEU B 261 -12.64 -8.51 -23.50
N LYS B 262 -11.55 -7.90 -23.93
CA LYS B 262 -11.38 -7.60 -25.32
C LYS B 262 -9.89 -7.45 -25.66
N THR B 263 -9.57 -7.55 -26.93
CA THR B 263 -8.22 -7.28 -27.36
C THR B 263 -7.94 -5.76 -27.23
N ALA B 264 -6.66 -5.40 -27.16
CA ALA B 264 -6.29 -3.99 -27.08
C ALA B 264 -6.69 -3.25 -28.36
N SER B 265 -7.18 -2.02 -28.24
CA SER B 265 -7.33 -1.15 -29.41
C SER B 265 -5.99 -0.92 -30.11
N ASP B 266 -4.94 -0.70 -29.32
CA ASP B 266 -3.59 -0.57 -29.83
C ASP B 266 -2.62 -1.43 -29.04
N SER B 267 -1.95 -2.31 -29.76
CA SER B 267 -1.14 -3.33 -29.13
C SER B 267 0.18 -2.82 -28.53
N PHE B 268 0.52 -1.56 -28.83
CA PHE B 268 1.70 -0.92 -28.25
C PHE B 268 1.37 -0.17 -26.96
N GLU B 269 0.30 0.63 -27.01
CA GLU B 269 -0.26 1.24 -25.80
C GLU B 269 -0.49 0.20 -24.68
N ALA B 270 -0.90 -1.02 -25.05
CA ALA B 270 -1.23 -2.06 -24.07
C ALA B 270 -0.02 -2.74 -23.45
N GLN B 271 1.18 -2.45 -23.96
CA GLN B 271 2.36 -3.02 -23.37
C GLN B 271 3.31 -1.93 -22.89
N ALA B 272 3.32 -0.79 -23.57
CA ALA B 272 4.13 0.37 -23.20
C ALA B 272 3.56 1.07 -21.97
N ALA B 273 2.30 0.85 -21.70
CA ALA B 273 1.63 1.49 -20.56
C ALA B 273 0.75 0.49 -19.83
N ARG B 274 0.43 0.82 -18.57
CA ARG B 274 -0.64 0.13 -17.86
C ARG B 274 -1.69 1.15 -17.41
N ASP B 275 -2.06 2.06 -18.32
CA ASP B 275 -2.92 3.20 -17.98
C ASP B 275 -4.32 2.78 -17.54
N GLY B 276 -4.77 1.60 -18.02
CA GLY B 276 -6.06 1.06 -17.64
C GLY B 276 -6.07 0.72 -16.16
N LEU B 277 -4.90 0.46 -15.58
CA LEU B 277 -4.82 0.13 -14.14
C LEU B 277 -4.90 1.40 -13.32
N VAL B 278 -4.24 2.46 -13.80
CA VAL B 278 -4.36 3.78 -13.20
C VAL B 278 -5.81 4.23 -13.27
N GLU B 279 -6.44 4.08 -14.42
CA GLU B 279 -7.83 4.44 -14.55
C GLU B 279 -8.74 3.67 -13.57
N GLY B 280 -8.52 2.37 -13.45
CA GLY B 280 -9.29 1.53 -12.56
C GLY B 280 -9.16 2.01 -11.12
N SER B 281 -7.94 2.36 -10.72
CA SER B 281 -7.62 2.88 -9.39
C SER B 281 -8.35 4.20 -9.04
N GLY B 282 -8.45 5.10 -10.00
CA GLY B 282 -9.16 6.36 -9.75
C GLY B 282 -10.62 6.11 -9.40
N ALA B 283 -11.24 5.16 -10.07
CA ALA B 283 -12.59 4.71 -9.69
C ALA B 283 -12.65 4.27 -8.23
N LEU B 284 -11.69 3.43 -7.84
CA LEU B 284 -11.60 2.90 -6.50
C LEU B 284 -11.34 4.01 -5.50
N LYS B 285 -10.43 4.92 -5.86
CA LYS B 285 -10.11 6.06 -5.01
C LYS B 285 -11.35 6.89 -4.74
N THR B 286 -12.21 7.07 -5.73
CA THR B 286 -13.45 7.83 -5.53
C THR B 286 -14.36 7.15 -4.52
N ILE B 287 -14.50 5.84 -4.66
CA ILE B 287 -15.30 5.01 -3.76
C ILE B 287 -14.76 5.10 -2.33
N ALA B 288 -13.43 5.06 -2.19
CA ALA B 288 -12.79 5.27 -0.87
C ALA B 288 -13.32 6.54 -0.21
N ALA B 289 -13.43 7.62 -1.00
CA ALA B 289 -13.88 8.91 -0.48
C ALA B 289 -15.37 8.88 -0.08
N SER B 290 -16.21 8.31 -0.93
CA SER B 290 -17.60 8.05 -0.64
C SER B 290 -17.74 7.24 0.65
N LEU B 291 -17.13 6.07 0.68
CA LEU B 291 -17.16 5.24 1.90
C LEU B 291 -16.63 5.93 3.16
N THR B 292 -15.61 6.78 3.05
CA THR B 292 -15.15 7.52 4.25
C THR B 292 -16.28 8.40 4.81
N LYS B 293 -16.99 9.09 3.91
CA LYS B 293 -18.07 10.00 4.26
C LYS B 293 -19.23 9.25 4.90
N ILE B 294 -19.70 8.20 4.24
CA ILE B 294 -20.80 7.39 4.73
C ILE B 294 -20.46 6.85 6.12
N ALA B 295 -19.31 6.19 6.23
CA ALA B 295 -18.84 5.66 7.51
C ALA B 295 -18.69 6.71 8.63
N ASN B 296 -18.18 7.89 8.29
CA ASN B 296 -18.03 8.96 9.29
C ASN B 296 -19.32 9.47 9.84
N ASP B 297 -20.23 9.79 8.93
CA ASP B 297 -21.57 10.16 9.30
C ASP B 297 -22.16 9.09 10.23
N ILE B 298 -21.99 7.82 9.88
CA ILE B 298 -22.59 6.77 10.69
C ILE B 298 -21.93 6.67 12.07
N ARG B 299 -20.60 6.73 12.15
CA ARG B 299 -20.02 6.75 13.51
C ARG B 299 -20.37 7.99 14.33
N TRP B 300 -20.50 9.14 13.67
CA TRP B 300 -20.91 10.36 14.34
C TRP B 300 -22.38 10.28 14.80
N MET B 301 -23.22 9.67 13.97
CA MET B 301 -24.60 9.49 14.33
C MET B 301 -24.74 8.53 15.50
N GLY B 302 -23.85 7.55 15.57
CA GLY B 302 -23.86 6.60 16.70
C GLY B 302 -23.15 7.07 17.96
N SER B 303 -22.59 8.27 17.94
CA SER B 303 -21.72 8.73 19.03
C SER B 303 -22.47 8.99 20.33
N GLY B 304 -21.87 8.50 21.42
CA GLY B 304 -22.45 8.57 22.75
C GLY B 304 -21.88 7.41 23.55
N PRO B 305 -22.70 6.74 24.37
CA PRO B 305 -24.16 6.87 24.60
C PRO B 305 -24.63 8.27 24.94
N LEU B 306 -23.85 9.02 25.69
CA LEU B 306 -24.41 10.24 26.25
C LEU B 306 -23.70 11.55 25.92
N THR B 307 -22.48 11.52 25.39
CA THR B 307 -21.72 12.76 25.23
C THR B 307 -21.60 13.22 23.78
N GLY B 308 -22.18 12.47 22.86
CA GLY B 308 -22.14 12.85 21.45
C GLY B 308 -23.51 13.19 20.92
N LEU B 309 -23.77 12.81 19.67
CA LEU B 309 -25.01 13.17 18.96
C LEU B 309 -26.17 12.24 19.23
N GLY B 310 -25.85 10.96 19.43
CA GLY B 310 -26.85 9.96 19.87
C GLY B 310 -28.02 9.76 18.92
N GLU B 311 -27.79 9.93 17.63
CA GLU B 311 -28.87 9.81 16.64
C GLU B 311 -29.32 8.37 16.33
N ILE B 312 -28.37 7.45 16.25
CA ILE B 312 -28.67 6.07 15.88
C ILE B 312 -27.87 5.16 16.79
N GLN B 313 -28.26 3.90 16.85
CA GLN B 313 -27.51 2.85 17.56
C GLN B 313 -26.97 1.82 16.55
N LEU B 314 -25.67 1.56 16.64
CA LEU B 314 -24.99 0.53 15.85
C LEU B 314 -25.05 -0.82 16.55
N PRO B 315 -25.18 -1.91 15.78
CA PRO B 315 -25.17 -3.25 16.35
C PRO B 315 -23.86 -3.42 17.08
N ASP B 316 -23.91 -4.01 18.26
CA ASP B 316 -22.70 -4.29 19.05
C ASP B 316 -22.04 -5.45 18.33
N LEU B 317 -20.73 -5.38 18.12
CA LEU B 317 -20.02 -6.48 17.47
C LEU B 317 -18.99 -7.13 18.38
N GLN B 318 -18.53 -6.36 19.37
CA GLN B 318 -17.49 -6.85 20.27
C GLN B 318 -17.28 -5.87 21.40
N PRO B 319 -16.75 -6.34 22.54
CA PRO B 319 -16.39 -5.38 23.59
C PRO B 319 -15.45 -4.32 23.04
N GLY B 320 -15.79 -3.06 23.29
CA GLY B 320 -14.99 -1.93 22.79
C GLY B 320 -13.64 -1.79 23.48
N SER B 321 -13.56 -2.02 24.79
CA SER B 321 -12.37 -1.56 25.52
C SER B 321 -11.77 -2.57 26.48
N SER B 322 -10.46 -2.75 26.40
CA SER B 322 -9.78 -3.63 27.33
C SER B 322 -9.80 -3.07 28.77
N ILE B 323 -10.06 -1.76 28.89
CA ILE B 323 -9.97 -1.03 30.16
C ILE B 323 -11.26 -0.33 30.59
N MET B 324 -12.01 0.19 29.63
CA MET B 324 -13.25 0.89 29.95
C MET B 324 -14.42 -0.10 29.82
N PRO B 325 -14.95 -0.58 30.97
CA PRO B 325 -15.92 -1.68 30.96
C PRO B 325 -17.27 -1.29 30.35
N GLY B 326 -17.81 -2.17 29.50
CA GLY B 326 -19.13 -1.95 28.91
C GLY B 326 -19.15 -1.06 27.70
N LYS B 327 -18.10 -0.26 27.50
CA LYS B 327 -18.02 0.61 26.34
C LYS B 327 -18.04 -0.23 25.05
N VAL B 328 -18.78 0.25 24.06
CA VAL B 328 -18.75 -0.36 22.73
C VAL B 328 -18.36 0.70 21.70
N ASN B 329 -17.59 0.28 20.68
CA ASN B 329 -17.08 1.19 19.65
C ASN B 329 -17.51 0.83 18.24
N PRO B 330 -17.63 1.85 17.36
CA PRO B 330 -18.07 1.61 15.98
C PRO B 330 -16.96 0.93 15.16
N VAL B 331 -16.68 -0.33 15.48
CA VAL B 331 -15.53 -1.01 14.87
C VAL B 331 -15.69 -1.18 13.37
N LEU B 332 -16.92 -1.28 12.86
CA LEU B 332 -17.07 -1.49 11.43
C LEU B 332 -16.80 -0.22 10.59
N PRO B 333 -17.32 0.96 10.99
CA PRO B 333 -16.92 2.16 10.26
C PRO B 333 -15.44 2.45 10.37
N GLU B 334 -14.80 1.93 11.40
CA GLU B 334 -13.35 2.04 11.51
C GLU B 334 -12.63 1.17 10.50
N ALA B 335 -13.14 -0.04 10.29
CA ALA B 335 -12.60 -0.93 9.26
C ALA B 335 -12.73 -0.27 7.91
N VAL B 336 -13.91 0.32 7.64
CA VAL B 336 -14.20 0.97 6.36
C VAL B 336 -13.25 2.15 6.10
N THR B 337 -13.13 3.05 7.06
CA THR B 337 -12.34 4.25 6.83
C THR B 337 -10.87 3.90 6.71
N GLN B 338 -10.44 2.85 7.40
CA GLN B 338 -9.05 2.40 7.26
C GLN B 338 -8.81 1.69 5.95
N VAL B 339 -9.79 0.94 5.46
CA VAL B 339 -9.73 0.35 4.12
C VAL B 339 -9.62 1.47 3.07
N ALA B 340 -10.40 2.53 3.26
CA ALA B 340 -10.37 3.69 2.36
C ALA B 340 -9.00 4.31 2.29
N ALA B 341 -8.36 4.49 3.44
CA ALA B 341 -7.00 5.04 3.48
C ALA B 341 -6.06 4.17 2.63
N GLN B 342 -6.19 2.86 2.81
CA GLN B 342 -5.29 1.91 2.17
C GLN B 342 -5.43 2.02 0.66
N VAL B 343 -6.68 2.09 0.17
CA VAL B 343 -7.02 2.24 -1.25
C VAL B 343 -6.43 3.52 -1.83
N ILE B 344 -6.31 4.56 -0.99
CA ILE B 344 -5.80 5.87 -1.45
C ILE B 344 -4.28 5.72 -1.60
N GLY B 345 -3.65 5.09 -0.60
CA GLY B 345 -2.24 4.75 -0.71
C GLY B 345 -1.94 3.93 -1.96
N ASN B 346 -2.65 2.81 -2.11
CA ASN B 346 -2.50 1.91 -3.26
C ASN B 346 -2.60 2.67 -4.58
N ASP B 347 -3.49 3.65 -4.61
CA ASP B 347 -3.67 4.51 -5.75
C ASP B 347 -2.40 5.32 -6.04
N ALA B 348 -1.77 5.86 -5.00
CA ALA B 348 -0.51 6.61 -5.22
C ALA B 348 0.60 5.70 -5.76
N ALA B 349 0.66 4.47 -5.27
CA ALA B 349 1.62 3.47 -5.76
C ALA B 349 1.37 3.16 -7.23
N ILE B 350 0.10 2.98 -7.60
CA ILE B 350 -0.25 2.62 -8.96
C ILE B 350 0.08 3.82 -9.86
N THR B 351 -0.07 5.03 -9.30
CA THR B 351 0.22 6.23 -10.08
C THR B 351 1.70 6.33 -10.41
N VAL B 352 2.56 6.18 -9.41
CA VAL B 352 4.02 6.13 -9.62
C VAL B 352 4.43 5.07 -10.64
N GLY B 353 3.87 3.86 -10.52
CA GLY B 353 4.07 2.83 -11.57
C GLY B 353 3.64 3.25 -12.98
N GLY B 354 2.46 3.84 -13.09
CA GLY B 354 1.88 4.12 -14.41
C GLY B 354 2.63 5.17 -15.20
N LEU B 355 3.22 6.13 -14.50
CA LEU B 355 3.89 7.23 -15.19
C LEU B 355 5.33 6.85 -15.55
N SER B 356 5.76 5.65 -15.14
CA SER B 356 7.17 5.28 -15.19
C SER B 356 7.56 4.33 -16.32
N GLY B 357 6.67 4.13 -17.30
CA GLY B 357 6.98 3.29 -18.47
C GLY B 357 8.12 3.88 -19.30
N ALA B 358 8.79 3.06 -20.09
CA ALA B 358 9.82 3.53 -21.02
C ALA B 358 9.73 2.67 -22.28
N PHE B 359 9.60 3.36 -23.40
CA PHE B 359 9.50 2.71 -24.71
C PHE B 359 8.47 1.59 -24.80
N GLU B 360 8.91 0.39 -25.18
CA GLU B 360 7.95 -0.69 -25.48
C GLU B 360 7.34 -1.39 -24.26
N LEU B 361 7.82 -1.07 -23.06
CA LEU B 361 7.38 -1.78 -21.85
C LEU B 361 7.32 -0.92 -20.60
N ASN B 362 6.17 -0.93 -19.93
CA ASN B 362 6.09 -0.42 -18.57
C ASN B 362 6.48 -1.57 -17.66
N VAL B 363 7.53 -1.39 -16.87
CA VAL B 363 8.03 -2.49 -16.04
C VAL B 363 7.69 -2.31 -14.57
N TYR B 364 6.43 -1.98 -14.31
CA TYR B 364 5.94 -1.89 -12.95
C TYR B 364 4.71 -2.77 -12.78
N ILE B 365 4.55 -3.79 -13.63
CA ILE B 365 3.26 -4.53 -13.65
C ILE B 365 2.96 -5.23 -12.32
N PRO B 366 3.98 -5.84 -11.67
CA PRO B 366 3.68 -6.56 -10.44
C PRO B 366 3.23 -5.67 -9.27
N VAL B 367 3.78 -4.47 -9.14
CA VAL B 367 3.41 -3.57 -8.03
C VAL B 367 2.06 -2.94 -8.35
N MET B 368 1.85 -2.61 -9.63
CA MET B 368 0.58 -2.07 -10.05
C MET B 368 -0.49 -3.12 -9.80
N ALA B 369 -0.24 -4.33 -10.28
CA ALA B 369 -1.19 -5.44 -10.13
C ALA B 369 -1.51 -5.69 -8.66
N ARG B 370 -0.48 -5.69 -7.83
CA ARG B 370 -0.65 -5.96 -6.42
C ARG B 370 -1.59 -4.95 -5.76
N ASN B 371 -1.37 -3.66 -6.05
CA ASN B 371 -2.12 -2.62 -5.39
C ASN B 371 -3.55 -2.50 -5.94
N LEU B 372 -3.72 -2.66 -7.25
CA LEU B 372 -5.08 -2.59 -7.80
C LEU B 372 -5.96 -3.75 -7.27
N LEU B 373 -5.45 -4.97 -7.36
CA LEU B 373 -6.20 -6.13 -6.86
C LEU B 373 -6.47 -6.06 -5.36
N GLU B 374 -5.53 -5.53 -4.58
CA GLU B 374 -5.77 -5.37 -3.15
C GLU B 374 -6.88 -4.38 -2.87
N SER B 375 -6.86 -3.21 -3.53
CA SER B 375 -7.97 -2.28 -3.36
C SER B 375 -9.33 -2.91 -3.69
N PHE B 376 -9.39 -3.63 -4.81
CA PHE B 376 -10.62 -4.40 -5.11
C PHE B 376 -11.10 -5.30 -3.97
N THR B 377 -10.20 -6.13 -3.43
CA THR B 377 -10.60 -7.13 -2.45
C THR B 377 -11.00 -6.45 -1.15
N LEU B 378 -10.18 -5.51 -0.68
CA LEU B 378 -10.49 -4.81 0.56
C LEU B 378 -11.85 -4.17 0.46
N LEU B 379 -12.14 -3.52 -0.67
CA LEU B 379 -13.37 -2.78 -0.81
C LEU B 379 -14.55 -3.73 -0.84
N ALA B 380 -14.46 -4.80 -1.64
CA ALA B 380 -15.55 -5.78 -1.73
C ALA B 380 -15.84 -6.44 -0.36
N ASN B 381 -14.77 -6.85 0.31
CA ASN B 381 -14.89 -7.52 1.58
C ASN B 381 -15.45 -6.61 2.66
N VAL B 382 -14.91 -5.40 2.77
CA VAL B 382 -15.38 -4.50 3.83
C VAL B 382 -16.82 -4.06 3.57
N SER B 383 -17.17 -3.96 2.30
CA SER B 383 -18.50 -3.51 1.92
C SER B 383 -19.58 -4.47 2.40
N ARG B 384 -19.35 -5.77 2.17
CA ARG B 384 -20.32 -6.78 2.59
C ARG B 384 -20.52 -6.76 4.08
N LEU B 385 -19.39 -6.70 4.81
CA LEU B 385 -19.38 -6.63 6.27
C LEU B 385 -20.09 -5.40 6.78
N PHE B 386 -19.91 -4.28 6.07
CA PHE B 386 -20.52 -3.02 6.45
C PHE B 386 -22.06 -3.16 6.43
N VAL B 387 -22.60 -3.89 5.45
CA VAL B 387 -24.03 -4.24 5.46
C VAL B 387 -24.41 -5.16 6.63
N ASP B 388 -23.82 -6.36 6.67
CA ASP B 388 -24.31 -7.41 7.55
C ASP B 388 -24.09 -7.10 9.01
N LYS B 389 -23.01 -6.37 9.30
CA LYS B 389 -22.64 -6.17 10.68
C LYS B 389 -22.84 -4.72 11.15
N CYS B 390 -23.47 -3.90 10.33
CA CYS B 390 -23.60 -2.47 10.71
C CYS B 390 -24.86 -1.83 10.17
N VAL B 391 -24.92 -1.66 8.84
CA VAL B 391 -26.01 -0.92 8.19
C VAL B 391 -27.39 -1.56 8.43
N ASP B 392 -27.50 -2.88 8.17
CA ASP B 392 -28.77 -3.58 8.36
CA ASP B 392 -28.74 -3.63 8.38
C ASP B 392 -29.33 -3.44 9.78
N GLY B 393 -28.49 -3.48 10.81
CA GLY B 393 -28.99 -3.42 12.18
C GLY B 393 -29.16 -2.03 12.77
N LEU B 394 -28.78 -1.00 12.02
CA LEU B 394 -28.90 0.37 12.55
C LEU B 394 -30.31 0.64 13.07
N VAL B 395 -30.39 1.33 14.22
CA VAL B 395 -31.67 1.70 14.82
C VAL B 395 -31.71 3.21 15.11
N ALA B 396 -32.71 3.89 14.55
CA ALA B 396 -32.93 5.33 14.76
C ALA B 396 -33.60 5.67 16.10
N ASN B 397 -33.05 6.66 16.80
CA ASN B 397 -33.69 7.23 18.00
C ASN B 397 -34.61 8.38 17.60
N GLU B 398 -35.79 8.01 17.14
CA GLU B 398 -36.67 8.94 16.42
C GLU B 398 -37.12 10.19 17.18
N ASP B 399 -37.48 10.01 18.46
CA ASP B 399 -37.94 11.12 19.30
C ASP B 399 -36.81 12.11 19.59
N HIS B 400 -35.60 11.60 19.81
CA HIS B 400 -34.46 12.49 20.06
C HIS B 400 -34.17 13.28 18.77
N LEU B 401 -34.31 12.62 17.63
CA LEU B 401 -34.06 13.25 16.34
C LEU B 401 -35.04 14.38 16.09
N ARG B 402 -36.32 14.08 16.30
CA ARG B 402 -37.39 15.06 16.32
C ARG B 402 -37.05 16.28 17.22
N THR B 403 -36.55 16.01 18.42
CA THR B 403 -36.14 17.10 19.32
C THR B 403 -35.03 17.95 18.71
N LEU B 404 -34.04 17.29 18.11
CA LEU B 404 -32.99 18.02 17.41
C LEU B 404 -33.54 18.88 16.28
N ALA B 405 -34.39 18.29 15.43
CA ALA B 405 -35.01 19.04 14.32
C ALA B 405 -35.70 20.33 14.82
N GLU B 406 -36.40 20.25 15.96
CA GLU B 406 -37.14 21.40 16.51
C GLU B 406 -36.26 22.39 17.30
N SER B 407 -35.02 22.00 17.56
CA SER B 407 -34.13 22.80 18.36
C SER B 407 -33.26 23.73 17.56
N SER B 408 -33.15 23.47 16.25
CA SER B 408 -32.25 24.30 15.46
C SER B 408 -32.81 25.69 15.30
N PRO B 409 -32.02 26.73 15.62
CA PRO B 409 -32.54 28.09 15.45
C PRO B 409 -32.75 28.42 13.97
N SER B 410 -32.11 27.65 13.11
CA SER B 410 -32.19 27.88 11.67
C SER B 410 -33.54 27.50 11.05
N ILE B 411 -34.42 26.90 11.85
CA ILE B 411 -35.78 26.68 11.38
C ILE B 411 -36.52 28.00 11.09
N VAL B 412 -35.89 29.12 11.41
CA VAL B 412 -36.46 30.42 11.03
C VAL B 412 -36.39 30.65 9.52
N THR B 413 -35.55 29.87 8.84
CA THR B 413 -35.28 30.01 7.41
C THR B 413 -36.52 30.16 6.48
N PRO B 414 -37.55 29.31 6.66
CA PRO B 414 -38.66 29.45 5.70
C PRO B 414 -39.46 30.75 5.84
N LEU B 415 -39.16 31.55 6.86
CA LEU B 415 -39.76 32.88 7.00
C LEU B 415 -39.14 33.98 6.12
N ASN B 416 -38.03 33.67 5.44
CA ASN B 416 -37.30 34.63 4.61
C ASN B 416 -38.18 35.43 3.66
N SER B 417 -39.09 34.72 2.98
CA SER B 417 -39.93 35.36 1.96
C SER B 417 -40.99 36.28 2.61
N ALA B 418 -41.37 36.00 3.87
CA ALA B 418 -42.30 36.86 4.59
C ALA B 418 -41.63 38.01 5.35
N ILE B 419 -40.50 37.75 6.03
CA ILE B 419 -39.88 38.81 6.84
C ILE B 419 -38.53 39.31 6.37
N GLY B 420 -37.99 38.67 5.33
CA GLY B 420 -36.72 39.08 4.78
C GLY B 420 -35.59 38.53 5.62
N TYR B 421 -34.48 38.26 4.97
CA TYR B 421 -33.33 37.62 5.62
C TYR B 421 -32.86 38.32 6.89
N GLU B 422 -32.76 39.64 6.83
CA GLU B 422 -32.16 40.41 7.92
C GLU B 422 -32.99 40.39 9.20
N GLU B 423 -34.31 40.54 9.07
CA GLU B 423 -35.19 40.38 10.21
C GLU B 423 -35.18 38.91 10.71
N ALA B 424 -35.24 37.94 9.80
CA ALA B 424 -35.16 36.56 10.23
C ALA B 424 -33.88 36.26 11.02
N ALA B 425 -32.76 36.87 10.62
CA ALA B 425 -31.51 36.74 11.37
C ALA B 425 -31.65 37.31 12.76
N ALA B 426 -32.41 38.38 12.89
CA ALA B 426 -32.54 39.07 14.16
C ALA B 426 -33.41 38.22 15.09
N VAL B 427 -34.43 37.58 14.52
CA VAL B 427 -35.25 36.58 15.18
C VAL B 427 -34.42 35.40 15.70
N ALA B 428 -33.54 34.86 14.85
CA ALA B 428 -32.69 33.75 15.28
C ALA B 428 -31.79 34.12 16.44
N LYS B 429 -31.16 35.30 16.34
CA LYS B 429 -30.17 35.76 17.31
C LYS B 429 -30.86 36.05 18.61
N GLU B 430 -32.05 36.64 18.54
CA GLU B 430 -32.81 36.94 19.76
C GLU B 430 -33.30 35.67 20.46
N ALA B 431 -33.72 34.68 19.68
CA ALA B 431 -34.20 33.41 20.22
C ALA B 431 -33.09 32.73 20.99
N LEU B 432 -31.91 32.73 20.37
CA LEU B 432 -30.77 32.05 20.93
C LEU B 432 -30.29 32.74 22.19
N LYS B 433 -30.19 34.08 22.13
CA LYS B 433 -29.63 34.83 23.26
C LYS B 433 -30.58 34.83 24.46
N GLU B 434 -31.89 34.80 24.18
CA GLU B 434 -32.89 34.83 25.26
C GLU B 434 -33.39 33.43 25.63
N ARG B 435 -32.89 32.41 24.92
CA ARG B 435 -33.36 31.04 25.12
C ARG B 435 -34.89 31.02 24.97
N LYS B 436 -35.35 31.50 23.83
CA LYS B 436 -36.75 31.51 23.46
C LYS B 436 -36.88 30.70 22.18
N THR B 437 -38.10 30.28 21.86
CA THR B 437 -38.33 29.57 20.60
C THR B 437 -38.37 30.58 19.47
N ILE B 438 -38.23 30.08 18.24
CA ILE B 438 -38.39 30.90 17.06
C ILE B 438 -39.80 31.50 16.96
N ARG B 439 -40.81 30.62 17.02
CA ARG B 439 -42.22 31.06 16.99
C ARG B 439 -42.49 32.21 17.95
N GLN B 440 -42.10 32.03 19.21
CA GLN B 440 -42.33 33.04 20.25
C GLN B 440 -41.57 34.33 19.94
N THR B 441 -40.36 34.19 19.43
CA THR B 441 -39.56 35.37 19.10
C THR B 441 -40.22 36.18 17.98
N VAL B 442 -40.75 35.50 16.99
CA VAL B 442 -41.44 36.19 15.89
C VAL B 442 -42.58 37.03 16.46
N ILE B 443 -43.39 36.38 17.31
CA ILE B 443 -44.49 37.02 17.99
C ILE B 443 -44.03 38.22 18.78
N ASP B 444 -43.03 38.00 19.64
CA ASP B 444 -42.43 39.04 20.50
C ASP B 444 -41.96 40.26 19.72
N ARG B 445 -41.36 40.02 18.57
CA ARG B 445 -40.77 41.07 17.73
C ARG B 445 -41.82 41.79 16.86
N GLY B 446 -43.09 41.43 17.06
CA GLY B 446 -44.23 42.12 16.47
C GLY B 446 -44.39 41.89 14.98
N LEU B 447 -44.15 40.67 14.53
CA LEU B 447 -44.10 40.39 13.09
C LEU B 447 -45.40 39.83 12.52
N ILE B 448 -46.23 39.31 13.41
CA ILE B 448 -47.59 38.93 13.11
C ILE B 448 -48.37 40.19 12.72
N GLY B 449 -49.04 40.11 11.58
CA GLY B 449 -49.71 41.26 10.98
C GLY B 449 -49.79 41.06 9.46
N ASP B 450 -49.67 42.16 8.72
CA ASP B 450 -49.72 42.16 7.25
C ASP B 450 -48.65 41.27 6.60
N LYS B 451 -47.50 41.18 7.24
CA LYS B 451 -46.36 40.35 6.83
C LYS B 451 -46.64 38.86 6.87
N LEU B 452 -47.40 38.43 7.88
CA LEU B 452 -47.41 37.03 8.29
C LEU B 452 -48.47 36.74 9.34
N SER B 453 -49.35 35.79 9.01
CA SER B 453 -50.39 35.36 9.94
C SER B 453 -49.81 34.29 10.86
N ILE B 454 -50.43 34.10 12.02
CA ILE B 454 -50.16 32.96 12.90
C ILE B 454 -50.31 31.62 12.17
N GLU B 455 -51.38 31.46 11.39
CA GLU B 455 -51.61 30.25 10.61
C GLU B 455 -50.40 29.92 9.74
N GLU B 456 -49.86 30.95 9.09
CA GLU B 456 -48.69 30.83 8.19
C GLU B 456 -47.40 30.51 8.94
N LEU B 457 -47.13 31.27 10.00
CA LEU B 457 -46.03 31.00 10.88
C LEU B 457 -45.99 29.51 11.26
N ASP B 458 -47.09 29.00 11.81
CA ASP B 458 -47.15 27.58 12.22
C ASP B 458 -47.02 26.61 11.03
N LYS B 459 -47.64 26.94 9.91
CA LYS B 459 -47.53 26.10 8.70
C LYS B 459 -46.07 25.95 8.23
N ARG B 460 -45.35 27.07 8.22
CA ARG B 460 -43.96 27.13 7.78
C ARG B 460 -42.92 26.65 8.79
N LEU B 461 -43.23 26.70 10.09
CA LEU B 461 -42.30 26.23 11.11
C LEU B 461 -42.34 24.71 11.37
N ASP B 462 -43.34 24.03 10.79
CA ASP B 462 -43.51 22.56 10.88
C ASP B 462 -42.27 21.85 10.32
N VAL B 463 -41.52 21.16 11.16
CA VAL B 463 -40.25 20.58 10.76
C VAL B 463 -40.38 19.45 9.73
N LEU B 464 -41.50 18.70 9.75
CA LEU B 464 -41.67 17.59 8.81
C LEU B 464 -42.05 18.11 7.41
N ALA B 465 -42.83 19.18 7.37
CA ALA B 465 -43.14 19.87 6.11
C ALA B 465 -41.86 20.46 5.56
N MET B 466 -41.09 21.09 6.46
CA MET B 466 -39.83 21.75 6.14
C MET B 466 -38.83 20.81 5.49
N ALA B 467 -38.74 19.58 6.01
CA ALA B 467 -37.92 18.57 5.36
C ALA B 467 -38.44 18.13 3.96
N LYS B 468 -39.69 18.44 3.61
CA LYS B 468 -40.24 18.31 2.23
C LYS B 468 -40.00 16.92 1.60
N VAL B 469 -40.58 15.90 2.24
CA VAL B 469 -40.20 14.50 1.95
C VAL B 469 -40.34 14.07 0.47
#